data_9N7Y
#
_entry.id   9N7Y
#
_cell.length_a   157.446
_cell.length_b   157.446
_cell.length_c   87.846
_cell.angle_alpha   90.00
_cell.angle_beta   90.00
_cell.angle_gamma   90.00
#
_symmetry.space_group_name_H-M   'P 43 21 2'
#
loop_
_entity.id
_entity.type
_entity.pdbx_description
1 polymer 'TEV protease-like hydrolase'
2 polymer 'Cleavage peptide'
3 non-polymer 'SULFATE ION'
4 water water
#
loop_
_entity_poly.entity_id
_entity_poly.type
_entity_poly.pdbx_seq_one_letter_code
_entity_poly.pdbx_strand_id
1 'polypeptide(L)'
;GSHMPRDYTPICDNIVKLTLTSDGKSITLYGLQYGNYIITNRHLFRLNNGTLTIESKNGTYTIADSKTLEVHLIEGKDLV
ILKMPDSVPAADTTLKFKKPVENEEVVLVSRDFSTPEPKCLVSESSKITPDNDGTFWKHSIPTKDGEAGLPLVSTKDGTV
VGLHSASNFNNTNFYFTAIPENFMELLNDESKRKWIKGWHLTSNSVEWGGHKVFMDK
;
A,B,C,D
2 'polypeptide(L)' TENLYFQGT E,F,G,H
#
loop_
_chem_comp.id
_chem_comp.type
_chem_comp.name
_chem_comp.formula
SO4 non-polymer 'SULFATE ION' 'O4 S -2'
#
# COMPACT_ATOMS: atom_id res chain seq x y z
N SER A 2 0.12 3.16 10.52
CA SER A 2 0.64 1.87 10.98
C SER A 2 0.46 0.80 9.91
N HIS A 3 1.57 0.16 9.53
CA HIS A 3 1.56 -0.90 8.54
C HIS A 3 2.02 -2.21 9.18
N MET A 4 1.45 -3.31 8.70
CA MET A 4 1.74 -4.61 9.29
C MET A 4 3.17 -5.02 9.00
N PRO A 5 3.92 -5.52 9.99
CA PRO A 5 5.22 -6.13 9.71
C PRO A 5 5.06 -7.31 8.76
N ARG A 6 6.05 -7.50 7.90
CA ARG A 6 5.91 -8.42 6.77
C ARG A 6 7.14 -9.31 6.64
N ASP A 7 6.89 -10.55 6.23
CA ASP A 7 7.93 -11.47 5.79
C ASP A 7 7.96 -11.48 4.27
N TYR A 8 9.08 -11.06 3.69
CA TYR A 8 9.21 -10.97 2.24
C TYR A 8 9.78 -12.23 1.61
N THR A 9 10.00 -13.29 2.40
CA THR A 9 10.55 -14.53 1.84
C THR A 9 9.64 -15.15 0.77
N PRO A 10 8.31 -15.17 0.89
CA PRO A 10 7.49 -15.69 -0.22
C PRO A 10 7.76 -15.01 -1.55
N ILE A 11 8.03 -13.71 -1.54
CA ILE A 11 8.34 -13.01 -2.78
C ILE A 11 9.71 -13.41 -3.29
N CYS A 12 10.67 -13.59 -2.38
CA CYS A 12 12.01 -14.04 -2.79
C CYS A 12 11.96 -15.41 -3.44
N ASP A 13 11.13 -16.30 -2.91
CA ASP A 13 11.03 -17.66 -3.44
C ASP A 13 10.52 -17.69 -4.87
N ASN A 14 9.96 -16.59 -5.37
CA ASN A 14 9.41 -16.53 -6.72
C ASN A 14 10.18 -15.59 -7.64
N ILE A 15 11.32 -15.06 -7.18
CA ILE A 15 12.20 -14.28 -8.05
C ILE A 15 13.10 -15.24 -8.82
N VAL A 16 13.22 -15.00 -10.12
CA VAL A 16 14.01 -15.85 -11.00
C VAL A 16 15.04 -15.00 -11.72
N LYS A 17 16.17 -15.61 -12.06
CA LYS A 17 17.24 -14.94 -12.79
C LYS A 17 17.26 -15.48 -14.22
N LEU A 18 16.89 -14.63 -15.17
CA LEU A 18 16.86 -15.00 -16.58
C LEU A 18 18.14 -14.56 -17.26
N THR A 19 18.61 -15.38 -18.20
CA THR A 19 19.80 -15.08 -18.99
C THR A 19 19.56 -15.56 -20.42
N LEU A 20 19.29 -14.61 -21.31
CA LEU A 20 19.06 -14.91 -22.72
C LEU A 20 20.41 -14.87 -23.43
N THR A 21 20.94 -16.04 -23.78
CA THR A 21 22.27 -16.17 -24.35
C THR A 21 22.18 -16.65 -25.79
N SER A 22 23.01 -16.06 -26.66
CA SER A 22 23.07 -16.48 -28.06
C SER A 22 24.39 -16.00 -28.64
N ASP A 23 25.22 -16.94 -29.10
CA ASP A 23 26.48 -16.63 -29.79
C ASP A 23 27.43 -15.85 -28.89
N GLY A 24 27.57 -16.31 -27.65
CA GLY A 24 28.52 -15.73 -26.71
C GLY A 24 28.07 -14.46 -26.02
N LYS A 25 26.96 -13.86 -26.43
CA LYS A 25 26.44 -12.64 -25.82
C LYS A 25 25.20 -12.98 -25.02
N SER A 26 25.16 -12.50 -23.76
CA SER A 26 24.08 -12.82 -22.85
C SER A 26 23.45 -11.54 -22.31
N ILE A 27 22.23 -11.67 -21.82
CA ILE A 27 21.50 -10.59 -21.16
C ILE A 27 20.89 -11.17 -19.89
N THR A 28 21.38 -10.73 -18.74
CA THR A 28 20.94 -11.27 -17.45
C THR A 28 20.18 -10.20 -16.69
N LEU A 29 18.94 -10.51 -16.31
CA LEU A 29 18.14 -9.67 -15.45
C LEU A 29 17.10 -10.56 -14.77
N TYR A 30 16.42 -9.99 -13.77
CA TYR A 30 15.54 -10.78 -12.91
C TYR A 30 14.11 -10.77 -13.42
N GLY A 31 13.30 -11.66 -12.84
CA GLY A 31 11.90 -11.77 -13.18
C GLY A 31 11.10 -12.32 -12.02
N LEU A 32 9.83 -12.65 -12.26
CA LEU A 32 8.96 -13.18 -11.21
C LEU A 32 8.21 -14.41 -11.73
N GLN A 33 8.08 -15.40 -10.87
CA GLN A 33 7.44 -16.68 -11.21
C GLN A 33 5.98 -16.64 -10.77
N TYR A 34 5.06 -16.78 -11.72
CA TYR A 34 3.62 -16.79 -11.43
C TYR A 34 2.97 -17.88 -12.28
N GLY A 35 2.73 -19.03 -11.66
CA GLY A 35 2.10 -20.12 -12.39
C GLY A 35 2.97 -20.56 -13.55
N ASN A 36 2.36 -20.66 -14.73
CA ASN A 36 3.06 -21.02 -15.95
C ASN A 36 3.73 -19.82 -16.63
N TYR A 37 3.79 -18.68 -15.95
CA TYR A 37 4.29 -17.44 -16.54
C TYR A 37 5.47 -16.90 -15.75
N ILE A 38 6.25 -16.06 -16.43
CA ILE A 38 7.39 -15.36 -15.83
C ILE A 38 7.27 -13.89 -16.23
N ILE A 39 7.01 -13.02 -15.26
CA ILE A 39 6.90 -11.59 -15.49
C ILE A 39 8.30 -10.98 -15.42
N THR A 40 8.70 -10.27 -16.47
CA THR A 40 10.03 -9.69 -16.55
C THR A 40 9.99 -8.47 -17.46
N ASN A 41 11.16 -7.88 -17.68
CA ASN A 41 11.27 -6.65 -18.46
C ASN A 41 11.28 -6.93 -19.95
N ARG A 42 10.81 -5.95 -20.72
CA ARG A 42 10.85 -6.06 -22.18
C ARG A 42 12.28 -6.06 -22.70
N HIS A 43 13.17 -5.27 -22.09
CA HIS A 43 14.53 -5.17 -22.60
C HIS A 43 15.38 -6.41 -22.31
N LEU A 44 14.76 -7.51 -21.87
CA LEU A 44 15.47 -8.78 -21.83
C LEU A 44 15.71 -9.32 -23.24
N PHE A 45 14.83 -8.95 -24.18
CA PHE A 45 14.88 -9.47 -25.55
C PHE A 45 15.55 -8.48 -26.50
N ARG A 46 16.75 -8.01 -26.15
CA ARG A 46 17.49 -7.16 -27.09
C ARG A 46 17.96 -7.96 -28.30
N LEU A 47 18.17 -9.26 -28.14
CA LEU A 47 18.61 -10.11 -29.23
C LEU A 47 17.56 -11.19 -29.48
N ASN A 48 17.48 -11.64 -30.72
CA ASN A 48 16.57 -12.70 -31.11
C ASN A 48 17.35 -14.00 -31.29
N ASN A 49 16.59 -15.11 -31.33
CA ASN A 49 17.16 -16.44 -31.52
C ASN A 49 18.20 -16.76 -30.45
N GLY A 50 17.75 -17.14 -29.26
CA GLY A 50 18.66 -17.38 -28.16
C GLY A 50 18.31 -18.58 -27.29
N THR A 51 18.87 -18.64 -26.09
CA THR A 51 18.64 -19.73 -25.16
C THR A 51 18.35 -19.12 -23.79
N LEU A 52 17.10 -19.22 -23.34
CA LEU A 52 16.70 -18.64 -22.07
C LEU A 52 17.06 -19.59 -20.92
N THR A 53 17.71 -19.04 -19.90
CA THR A 53 18.08 -19.78 -18.70
C THR A 53 17.35 -19.17 -17.51
N ILE A 54 16.40 -19.91 -16.95
CA ILE A 54 15.62 -19.46 -15.80
C ILE A 54 16.16 -20.17 -14.57
N GLU A 55 16.63 -19.40 -13.59
CA GLU A 55 17.12 -19.94 -12.33
C GLU A 55 16.10 -19.62 -11.24
N SER A 56 15.41 -20.65 -10.76
CA SER A 56 14.41 -20.53 -9.72
C SER A 56 14.83 -21.33 -8.49
N LYS A 57 14.08 -21.14 -7.41
CA LYS A 57 14.31 -21.95 -6.21
C LYS A 57 14.10 -23.43 -6.48
N ASN A 58 13.15 -23.76 -7.36
CA ASN A 58 12.93 -25.15 -7.73
C ASN A 58 14.12 -25.71 -8.47
N GLY A 59 14.52 -25.05 -9.55
CA GLY A 59 15.66 -25.50 -10.31
C GLY A 59 16.06 -24.48 -11.37
N THR A 60 16.96 -24.91 -12.25
CA THR A 60 17.43 -24.08 -13.35
C THR A 60 16.95 -24.67 -14.66
N TYR A 61 16.28 -23.85 -15.47
CA TYR A 61 15.65 -24.30 -16.71
C TYR A 61 16.32 -23.69 -17.92
N THR A 62 16.22 -24.40 -19.05
CA THR A 62 16.84 -24.00 -20.31
C THR A 62 15.83 -24.19 -21.43
N ILE A 63 15.63 -23.15 -22.24
CA ILE A 63 14.47 -23.08 -23.13
C ILE A 63 14.92 -22.87 -24.57
N ALA A 64 14.14 -23.40 -25.51
CA ALA A 64 14.49 -23.43 -26.94
C ALA A 64 14.04 -22.15 -27.63
N ASP A 65 15.00 -21.33 -28.04
CA ASP A 65 14.78 -20.25 -29.00
C ASP A 65 13.77 -19.19 -28.54
N SER A 66 14.26 -17.99 -28.25
CA SER A 66 13.37 -16.90 -27.89
C SER A 66 12.44 -16.51 -29.04
N LYS A 67 12.76 -16.90 -30.28
CA LYS A 67 11.88 -16.57 -31.40
C LYS A 67 10.55 -17.33 -31.31
N THR A 68 10.60 -18.60 -30.94
CA THR A 68 9.38 -19.37 -30.78
C THR A 68 8.63 -19.01 -29.49
N LEU A 69 9.27 -18.29 -28.58
CA LEU A 69 8.67 -18.02 -27.28
C LEU A 69 7.42 -17.14 -27.42
N GLU A 70 6.38 -17.50 -26.69
CA GLU A 70 5.12 -16.75 -26.68
C GLU A 70 5.16 -15.75 -25.53
N VAL A 71 4.99 -14.46 -25.86
CA VAL A 71 5.10 -13.39 -24.89
C VAL A 71 3.91 -12.45 -25.05
N HIS A 72 3.34 -12.02 -23.93
CA HIS A 72 2.33 -10.98 -23.91
C HIS A 72 2.98 -9.68 -23.47
N LEU A 73 2.87 -8.65 -24.31
CA LEU A 73 3.52 -7.37 -24.05
C LEU A 73 2.55 -6.43 -23.36
N ILE A 74 2.97 -5.90 -22.21
CA ILE A 74 2.19 -4.87 -21.54
C ILE A 74 2.30 -3.57 -22.32
N GLU A 75 1.16 -2.96 -22.63
CA GLU A 75 1.15 -1.77 -23.47
C GLU A 75 1.82 -0.60 -22.77
N GLY A 76 2.77 0.02 -23.46
CA GLY A 76 3.44 1.20 -22.94
C GLY A 76 4.18 0.99 -21.64
N LYS A 77 4.75 -0.20 -21.44
CA LYS A 77 5.49 -0.49 -20.22
C LYS A 77 6.60 -1.48 -20.53
N ASP A 78 7.70 -1.36 -19.78
CA ASP A 78 8.83 -2.28 -19.88
C ASP A 78 8.51 -3.59 -19.17
N LEU A 79 7.37 -4.19 -19.51
CA LEU A 79 6.90 -5.42 -18.88
C LEU A 79 6.45 -6.40 -19.94
N VAL A 80 6.64 -7.69 -19.66
CA VAL A 80 6.27 -8.74 -20.60
C VAL A 80 5.97 -10.00 -19.81
N ILE A 81 4.92 -10.70 -20.20
CA ILE A 81 4.53 -11.98 -19.60
C ILE A 81 5.01 -13.09 -20.52
N LEU A 82 5.88 -13.96 -20.01
CA LEU A 82 6.43 -15.07 -20.78
C LEU A 82 5.67 -16.34 -20.45
N LYS A 83 5.20 -17.03 -21.48
CA LYS A 83 4.49 -18.29 -21.32
C LYS A 83 5.50 -19.43 -21.37
N MET A 84 5.78 -20.03 -20.20
CA MET A 84 6.68 -21.17 -20.15
C MET A 84 6.03 -22.37 -20.84
N PRO A 85 6.83 -23.19 -21.53
CA PRO A 85 6.27 -24.44 -22.08
C PRO A 85 5.71 -25.31 -20.98
N ASP A 86 4.76 -26.17 -21.36
CA ASP A 86 4.01 -26.94 -20.38
C ASP A 86 4.88 -27.92 -19.60
N SER A 87 6.04 -28.31 -20.14
CA SER A 87 6.89 -29.27 -19.46
C SER A 87 7.56 -28.65 -18.23
N VAL A 88 7.74 -27.34 -18.23
CA VAL A 88 8.37 -26.67 -17.07
C VAL A 88 7.35 -26.60 -15.94
N PRO A 89 7.72 -26.96 -14.71
CA PRO A 89 6.76 -26.89 -13.61
C PRO A 89 6.37 -25.46 -13.29
N ALA A 90 5.10 -25.26 -12.99
CA ALA A 90 4.58 -23.95 -12.65
C ALA A 90 4.94 -23.58 -11.21
N ALA A 91 4.78 -22.30 -10.89
CA ALA A 91 5.08 -21.78 -9.57
C ALA A 91 3.78 -21.44 -8.84
N ASP A 92 3.93 -20.93 -7.63
CA ASP A 92 2.77 -20.52 -6.84
C ASP A 92 2.11 -19.31 -7.50
N THR A 93 0.78 -19.26 -7.42
CA THR A 93 0.04 -18.05 -7.73
C THR A 93 -0.08 -17.14 -6.51
N THR A 94 0.88 -17.22 -5.59
CA THR A 94 0.82 -16.47 -4.34
C THR A 94 1.28 -15.03 -4.51
N LEU A 95 1.95 -14.70 -5.61
CA LEU A 95 2.37 -13.32 -5.84
C LEU A 95 1.16 -12.42 -6.05
N LYS A 96 1.21 -11.23 -5.47
CA LYS A 96 0.13 -10.25 -5.57
C LYS A 96 0.65 -9.02 -6.29
N PHE A 97 0.03 -8.69 -7.42
CA PHE A 97 0.37 -7.50 -8.20
C PHE A 97 -0.72 -6.45 -8.05
N LYS A 98 -0.30 -5.19 -7.95
CA LYS A 98 -1.25 -4.09 -7.86
C LYS A 98 -0.62 -2.86 -8.50
N LYS A 99 -1.48 -1.97 -8.96
CA LYS A 99 -1.00 -0.69 -9.49
C LYS A 99 -0.42 0.13 -8.34
N PRO A 100 0.76 0.72 -8.51
CA PRO A 100 1.37 1.47 -7.41
C PRO A 100 0.57 2.70 -7.04
N VAL A 101 0.71 3.10 -5.78
CA VAL A 101 0.03 4.27 -5.23
C VAL A 101 1.08 5.29 -4.84
N GLU A 102 0.89 6.54 -5.25
CA GLU A 102 1.83 7.60 -4.90
C GLU A 102 1.86 7.80 -3.39
N ASN A 103 3.01 8.27 -2.89
CA ASN A 103 3.22 8.48 -1.46
C ASN A 103 3.04 7.19 -0.67
N GLU A 104 3.32 6.05 -1.31
CA GLU A 104 3.33 4.75 -0.65
C GLU A 104 4.73 4.17 -0.81
N GLU A 105 5.35 3.82 0.31
CA GLU A 105 6.75 3.42 0.32
C GLU A 105 6.90 2.01 -0.24
N VAL A 106 8.05 1.77 -0.87
CA VAL A 106 8.37 0.46 -1.44
C VAL A 106 9.78 0.07 -1.00
N VAL A 107 10.05 -1.23 -1.08
CA VAL A 107 11.36 -1.79 -0.76
C VAL A 107 11.74 -2.76 -1.87
N LEU A 108 12.97 -2.66 -2.34
CA LEU A 108 13.46 -3.57 -3.37
C LEU A 108 13.79 -4.91 -2.75
N VAL A 109 13.06 -5.95 -3.15
CA VAL A 109 13.25 -7.30 -2.64
C VAL A 109 14.10 -8.07 -3.64
N SER A 110 15.29 -8.49 -3.21
CA SER A 110 16.24 -9.16 -4.08
C SER A 110 16.64 -10.50 -3.49
N ARG A 111 16.85 -11.50 -4.35
CA ARG A 111 17.37 -12.80 -3.96
C ARG A 111 18.81 -12.93 -4.42
N ASP A 112 19.69 -13.32 -3.50
CA ASP A 112 21.11 -13.45 -3.76
C ASP A 112 21.42 -14.91 -4.11
N PHE A 113 21.64 -15.18 -5.39
CA PHE A 113 21.95 -16.53 -5.85
C PHE A 113 23.40 -16.92 -5.62
N SER A 114 24.25 -16.00 -5.16
CA SER A 114 25.68 -16.26 -5.08
C SER A 114 26.04 -17.10 -3.85
N THR A 115 25.60 -16.67 -2.68
CA THR A 115 25.98 -17.34 -1.44
C THR A 115 25.44 -18.77 -1.43
N PRO A 116 26.12 -19.69 -0.72
CA PRO A 116 25.59 -21.06 -0.62
C PRO A 116 24.23 -21.13 0.02
N GLU A 117 23.91 -20.20 0.92
CA GLU A 117 22.58 -20.06 1.49
C GLU A 117 21.96 -18.79 0.94
N PRO A 118 20.86 -18.87 0.20
CA PRO A 118 20.28 -17.65 -0.39
C PRO A 118 19.87 -16.66 0.68
N LYS A 119 19.91 -15.38 0.32
CA LYS A 119 19.51 -14.31 1.21
C LYS A 119 18.33 -13.57 0.60
N CYS A 120 17.25 -13.45 1.36
CA CYS A 120 16.10 -12.65 0.97
C CYS A 120 16.38 -11.21 1.39
N LEU A 121 16.91 -10.42 0.45
CA LEU A 121 17.37 -9.06 0.76
C LEU A 121 16.23 -8.07 0.58
N VAL A 122 16.03 -7.22 1.58
CA VAL A 122 15.01 -6.18 1.54
C VAL A 122 15.72 -4.84 1.70
N SER A 123 15.62 -3.99 0.67
CA SER A 123 16.30 -2.70 0.67
C SER A 123 15.63 -1.75 1.66
N GLU A 124 16.13 -0.52 1.70
CA GLU A 124 15.55 0.51 2.55
C GLU A 124 14.36 1.16 1.86
N SER A 125 13.40 1.61 2.67
CA SER A 125 12.15 2.14 2.14
C SER A 125 12.40 3.40 1.31
N SER A 126 11.49 3.64 0.38
CA SER A 126 11.60 4.79 -0.52
C SER A 126 10.23 5.11 -1.10
N LYS A 127 9.93 6.40 -1.21
CA LYS A 127 8.69 6.82 -1.84
C LYS A 127 8.79 6.63 -3.36
N ILE A 128 7.64 6.76 -4.03
CA ILE A 128 7.57 6.58 -5.47
C ILE A 128 6.75 7.71 -6.08
N THR A 129 7.11 8.09 -7.30
CA THR A 129 6.43 9.15 -8.04
C THR A 129 6.44 8.79 -9.52
N PRO A 130 5.36 9.09 -10.24
CA PRO A 130 5.33 8.81 -11.68
C PRO A 130 6.24 9.75 -12.45
N ASP A 131 6.77 9.25 -13.56
CA ASP A 131 7.70 9.99 -14.43
C ASP A 131 7.05 10.20 -15.79
N ASN A 132 6.77 11.46 -16.11
CA ASN A 132 6.22 11.87 -17.41
C ASN A 132 4.89 11.16 -17.65
N ASP A 133 4.77 10.34 -18.70
CA ASP A 133 3.53 9.72 -19.15
C ASP A 133 3.12 8.50 -18.32
N GLY A 134 3.91 8.09 -17.33
CA GLY A 134 3.59 6.94 -16.53
C GLY A 134 4.26 5.65 -16.97
N THR A 135 4.98 5.67 -18.10
CA THR A 135 5.73 4.49 -18.51
C THR A 135 6.76 4.08 -17.47
N PHE A 136 7.34 5.05 -16.78
CA PHE A 136 8.34 4.79 -15.76
C PHE A 136 7.92 5.45 -14.46
N TRP A 137 8.28 4.81 -13.34
CA TRP A 137 8.08 5.36 -12.01
C TRP A 137 9.43 5.42 -11.31
N LYS A 138 9.65 6.47 -10.54
CA LYS A 138 10.96 6.76 -9.96
C LYS A 138 11.01 6.34 -8.49
N HIS A 139 12.07 5.64 -8.12
CA HIS A 139 12.36 5.33 -6.72
C HIS A 139 13.81 5.72 -6.44
N SER A 140 14.15 5.76 -5.15
CA SER A 140 15.47 6.20 -4.69
C SER A 140 16.26 5.05 -4.06
N ILE A 141 16.12 3.85 -4.61
CA ILE A 141 16.84 2.68 -4.13
C ILE A 141 17.99 2.41 -5.10
N PRO A 142 19.24 2.45 -4.64
CA PRO A 142 20.37 2.17 -5.55
C PRO A 142 20.31 0.74 -6.07
N THR A 143 20.34 0.62 -7.40
CA THR A 143 20.26 -0.67 -8.07
C THR A 143 21.48 -0.87 -8.95
N LYS A 144 22.10 -2.03 -8.84
CA LYS A 144 23.23 -2.37 -9.68
C LYS A 144 22.75 -2.75 -11.09
N ASP A 145 23.70 -2.80 -12.02
CA ASP A 145 23.36 -3.18 -13.38
C ASP A 145 22.94 -4.65 -13.43
N GLY A 146 21.96 -4.95 -14.27
CA GLY A 146 21.40 -6.27 -14.34
C GLY A 146 20.39 -6.60 -13.26
N GLU A 147 20.05 -5.63 -12.42
CA GLU A 147 19.05 -5.82 -11.38
C GLU A 147 17.65 -5.43 -11.83
N ALA A 148 17.46 -5.16 -13.12
CA ALA A 148 16.12 -4.92 -13.64
C ALA A 148 15.28 -6.19 -13.54
N GLY A 149 13.97 -6.00 -13.42
CA GLY A 149 13.07 -7.10 -13.15
C GLY A 149 12.94 -7.47 -11.70
N LEU A 150 13.74 -6.87 -10.82
CA LEU A 150 13.58 -7.10 -9.40
C LEU A 150 12.32 -6.41 -8.89
N PRO A 151 11.55 -7.03 -8.01
CA PRO A 151 10.25 -6.48 -7.63
C PRO A 151 10.36 -5.30 -6.68
N LEU A 152 9.55 -4.28 -6.95
CA LEU A 152 9.32 -3.18 -6.03
C LEU A 152 8.05 -3.51 -5.24
N VAL A 153 8.20 -3.75 -3.95
CA VAL A 153 7.14 -4.28 -3.11
C VAL A 153 6.68 -3.20 -2.14
N SER A 154 5.38 -2.93 -2.13
CA SER A 154 4.82 -1.96 -1.20
C SER A 154 4.85 -2.51 0.22
N THR A 155 5.27 -1.66 1.16
CA THR A 155 5.31 -2.06 2.57
C THR A 155 3.95 -2.02 3.25
N LYS A 156 2.91 -1.54 2.56
CA LYS A 156 1.58 -1.50 3.14
C LYS A 156 0.91 -2.87 3.05
N ASP A 157 0.73 -3.38 1.84
CA ASP A 157 0.01 -4.61 1.60
C ASP A 157 0.87 -5.75 1.05
N GLY A 158 2.17 -5.52 0.88
CA GLY A 158 3.05 -6.58 0.41
C GLY A 158 2.82 -7.02 -1.01
N THR A 159 2.42 -6.09 -1.89
CA THR A 159 2.14 -6.39 -3.27
C THR A 159 3.26 -5.84 -4.16
N VAL A 160 3.55 -6.56 -5.24
CA VAL A 160 4.51 -6.08 -6.23
C VAL A 160 3.86 -4.93 -7.00
N VAL A 161 4.40 -3.72 -6.82
CA VAL A 161 3.88 -2.55 -7.52
C VAL A 161 4.67 -2.23 -8.78
N GLY A 162 5.80 -2.88 -9.00
CA GLY A 162 6.57 -2.63 -10.21
C GLY A 162 7.86 -3.42 -10.21
N LEU A 163 8.50 -3.42 -11.37
CA LEU A 163 9.79 -4.05 -11.58
C LEU A 163 10.81 -2.99 -11.99
N HIS A 164 12.03 -3.11 -11.49
CA HIS A 164 13.07 -2.14 -11.84
C HIS A 164 13.40 -2.21 -13.32
N SER A 165 13.80 -1.07 -13.88
CA SER A 165 14.05 -1.00 -15.31
C SER A 165 15.37 -0.32 -15.64
N ALA A 166 15.44 1.00 -15.47
CA ALA A 166 16.58 1.78 -15.94
C ALA A 166 17.01 2.77 -14.88
N SER A 167 18.18 3.36 -15.11
CA SER A 167 18.73 4.41 -14.25
C SER A 167 19.49 5.38 -15.13
N ASN A 168 19.83 6.54 -14.56
CA ASN A 168 20.70 7.46 -15.27
C ASN A 168 22.15 6.98 -15.18
N PHE A 169 22.98 7.52 -16.06
CA PHE A 169 24.35 7.03 -16.18
C PHE A 169 25.18 7.32 -14.93
N ASN A 170 24.86 8.40 -14.21
CA ASN A 170 25.54 8.68 -12.96
C ASN A 170 24.99 7.88 -11.79
N ASN A 171 23.92 7.12 -12.00
CA ASN A 171 23.31 6.28 -10.97
C ASN A 171 22.90 7.10 -9.76
N THR A 172 22.07 8.10 -10.01
CA THR A 172 21.49 8.95 -8.97
C THR A 172 19.97 8.93 -8.95
N ASN A 173 19.33 8.70 -10.10
CA ASN A 173 17.88 8.50 -10.18
C ASN A 173 17.63 7.13 -10.79
N PHE A 174 16.70 6.39 -10.19
CA PHE A 174 16.41 5.02 -10.60
C PHE A 174 14.93 4.91 -10.95
N TYR A 175 14.64 4.29 -12.10
CA TYR A 175 13.30 4.25 -12.66
C TYR A 175 12.85 2.80 -12.78
N PHE A 176 11.66 2.51 -12.26
CA PHE A 176 11.06 1.19 -12.39
C PHE A 176 9.76 1.29 -13.18
N THR A 177 9.30 0.15 -13.68
CA THR A 177 8.12 0.08 -14.51
C THR A 177 6.91 -0.31 -13.66
N ALA A 178 5.90 0.54 -13.63
CA ALA A 178 4.74 0.32 -12.78
C ALA A 178 3.88 -0.83 -13.30
N ILE A 179 3.30 -1.56 -12.36
CA ILE A 179 2.35 -2.62 -12.71
C ILE A 179 1.06 -2.00 -13.21
N PRO A 180 0.56 -2.36 -14.39
CA PRO A 180 -0.64 -1.70 -14.93
C PRO A 180 -1.90 -2.11 -14.17
N GLU A 181 -2.95 -1.32 -14.39
CA GLU A 181 -4.24 -1.62 -13.78
C GLU A 181 -4.81 -2.91 -14.35
N ASN A 182 -5.50 -3.68 -13.49
CA ASN A 182 -6.08 -4.96 -13.88
C ASN A 182 -5.02 -5.93 -14.39
N PHE A 183 -3.85 -5.89 -13.76
CA PHE A 183 -2.76 -6.79 -14.14
C PHE A 183 -3.01 -8.22 -13.66
N MET A 184 -3.67 -8.37 -12.50
CA MET A 184 -4.03 -9.71 -12.04
C MET A 184 -5.13 -10.31 -12.90
N GLU A 185 -6.03 -9.46 -13.44
CA GLU A 185 -7.00 -9.95 -14.41
C GLU A 185 -6.31 -10.47 -15.67
N LEU A 186 -5.14 -9.91 -15.99
CA LEU A 186 -4.40 -10.37 -17.17
C LEU A 186 -3.76 -11.73 -16.94
N LEU A 187 -3.49 -12.09 -15.69
CA LEU A 187 -2.78 -13.33 -15.41
C LEU A 187 -3.70 -14.53 -15.36
N ASN A 188 -4.93 -14.35 -14.87
CA ASN A 188 -5.85 -15.47 -14.66
C ASN A 188 -6.96 -15.54 -15.70
N ASP A 189 -6.91 -14.70 -16.73
CA ASP A 189 -7.95 -14.69 -17.76
C ASP A 189 -7.28 -14.69 -19.13
N GLU A 190 -7.46 -15.78 -19.88
CA GLU A 190 -6.80 -15.92 -21.18
C GLU A 190 -7.39 -14.99 -22.22
N SER A 191 -8.66 -14.61 -22.07
CA SER A 191 -9.31 -13.79 -23.09
C SER A 191 -8.66 -12.41 -23.20
N LYS A 192 -8.07 -11.91 -22.11
CA LYS A 192 -7.38 -10.63 -22.15
C LYS A 192 -5.95 -10.73 -22.65
N ARG A 193 -5.39 -11.94 -22.73
CA ARG A 193 -4.01 -12.13 -23.15
C ARG A 193 -3.92 -12.28 -24.66
N LYS A 194 -2.98 -11.57 -25.27
CA LYS A 194 -2.66 -11.71 -26.69
C LYS A 194 -1.19 -12.07 -26.79
N TRP A 195 -0.90 -13.31 -27.16
CA TRP A 195 0.46 -13.82 -27.21
C TRP A 195 1.07 -13.56 -28.57
N ILE A 196 2.35 -13.17 -28.58
CA ILE A 196 3.09 -12.96 -29.81
C ILE A 196 4.41 -13.73 -29.74
N LYS A 197 4.95 -14.05 -30.90
CA LYS A 197 6.18 -14.83 -31.02
C LYS A 197 7.24 -14.02 -31.76
N GLY A 198 8.50 -14.29 -31.43
CA GLY A 198 9.61 -13.68 -32.14
C GLY A 198 9.83 -12.21 -31.87
N TRP A 199 9.26 -11.67 -30.81
CA TRP A 199 9.46 -10.26 -30.49
C TRP A 199 10.87 -10.04 -29.96
N HIS A 200 11.57 -9.06 -30.53
CA HIS A 200 12.90 -8.72 -30.08
C HIS A 200 13.11 -7.22 -30.27
N LEU A 201 14.10 -6.69 -29.57
CA LEU A 201 14.42 -5.26 -29.56
C LEU A 201 15.67 -5.05 -30.40
N THR A 202 15.47 -4.94 -31.72
CA THR A 202 16.61 -4.83 -32.64
C THR A 202 17.33 -3.50 -32.55
N SER A 203 16.66 -2.45 -32.06
CA SER A 203 17.27 -1.13 -32.03
C SER A 203 18.20 -0.97 -30.84
N ASN A 204 19.20 -0.11 -31.01
CA ASN A 204 20.13 0.18 -29.91
C ASN A 204 19.52 1.18 -28.95
N SER A 205 18.86 2.21 -29.46
CA SER A 205 18.22 3.23 -28.64
C SER A 205 16.70 3.13 -28.76
N VAL A 206 16.03 3.23 -27.62
CA VAL A 206 14.57 3.20 -27.54
C VAL A 206 14.09 4.47 -26.87
N GLU A 207 13.01 5.04 -27.39
CA GLU A 207 12.42 6.27 -26.84
C GLU A 207 11.18 5.88 -26.06
N TRP A 208 11.33 5.74 -24.74
CA TRP A 208 10.25 5.29 -23.87
C TRP A 208 10.08 6.26 -22.70
N GLY A 209 8.82 6.49 -22.33
CA GLY A 209 8.51 7.29 -21.15
C GLY A 209 8.99 8.72 -21.20
N GLY A 210 8.94 9.34 -22.36
CA GLY A 210 9.49 10.67 -22.50
C GLY A 210 10.99 10.75 -22.30
N HIS A 211 11.69 9.62 -22.44
CA HIS A 211 13.12 9.53 -22.22
C HIS A 211 13.77 8.82 -23.39
N LYS A 212 15.10 8.88 -23.44
CA LYS A 212 15.90 8.13 -24.41
C LYS A 212 16.68 7.09 -23.62
N VAL A 213 16.23 5.84 -23.68
CA VAL A 213 16.81 4.76 -22.89
C VAL A 213 17.74 3.94 -23.77
N PHE A 214 18.94 3.68 -23.27
CA PHE A 214 19.94 2.89 -23.96
C PHE A 214 20.03 1.50 -23.33
N MET A 215 20.65 0.58 -24.06
CA MET A 215 20.85 -0.78 -23.57
C MET A 215 22.15 -0.96 -22.81
N ASP A 216 23.01 0.06 -22.78
CA ASP A 216 24.26 -0.01 -22.04
C ASP A 216 24.70 1.37 -21.58
N GLY B 1 23.99 5.43 0.85
CA GLY B 1 24.20 4.05 0.44
C GLY B 1 24.06 3.07 1.60
N SER B 2 23.43 3.52 2.69
CA SER B 2 23.28 2.71 3.89
C SER B 2 22.36 1.52 3.65
N HIS B 3 21.77 1.45 2.46
CA HIS B 3 20.91 0.34 2.06
C HIS B 3 21.53 -0.99 2.42
N MET B 4 22.53 -1.43 1.64
CA MET B 4 23.16 -2.73 1.78
C MET B 4 22.10 -3.77 2.10
N PRO B 5 21.17 -4.06 1.15
CA PRO B 5 19.98 -4.84 1.46
C PRO B 5 20.24 -6.06 2.34
N ARG B 6 19.41 -6.25 3.35
CA ARG B 6 19.70 -7.20 4.41
C ARG B 6 18.59 -8.23 4.56
N ASP B 7 19.01 -9.46 4.84
CA ASP B 7 18.10 -10.53 5.23
C ASP B 7 18.15 -10.66 6.75
N TYR B 8 17.00 -10.48 7.40
CA TYR B 8 16.92 -10.47 8.85
C TYR B 8 16.58 -11.83 9.44
N THR B 9 16.61 -12.90 8.64
CA THR B 9 16.29 -14.23 9.13
C THR B 9 17.33 -14.72 10.13
N PRO B 10 18.63 -14.45 9.95
CA PRO B 10 19.59 -14.76 11.02
C PRO B 10 19.16 -14.29 12.40
N ILE B 11 18.48 -13.14 12.50
CA ILE B 11 18.05 -12.64 13.80
C ILE B 11 16.76 -13.32 14.22
N CYS B 12 15.84 -13.55 13.28
CA CYS B 12 14.61 -14.25 13.59
C CYS B 12 14.88 -15.64 14.15
N ASP B 13 15.90 -16.32 13.61
CA ASP B 13 16.25 -17.65 14.07
C ASP B 13 16.69 -17.65 15.53
N ASN B 14 17.10 -16.50 16.06
CA ASN B 14 17.57 -16.40 17.43
C ASN B 14 16.57 -15.70 18.35
N ILE B 15 15.39 -15.36 17.87
CA ILE B 15 14.35 -14.75 18.70
C ILE B 15 13.64 -15.86 19.47
N VAL B 16 13.76 -15.84 20.79
CA VAL B 16 13.08 -16.78 21.65
C VAL B 16 11.89 -16.08 22.30
N LYS B 17 10.92 -16.88 22.73
CA LYS B 17 9.74 -16.37 23.42
C LYS B 17 9.69 -17.01 24.80
N LEU B 18 9.83 -16.18 25.83
CA LEU B 18 9.92 -16.67 27.20
C LEU B 18 8.59 -16.49 27.92
N THR B 19 8.26 -17.45 28.79
CA THR B 19 7.04 -17.40 29.58
C THR B 19 7.36 -17.90 30.99
N LEU B 20 7.34 -17.00 31.96
CA LEU B 20 7.57 -17.34 33.36
C LEU B 20 6.22 -17.54 34.03
N THR B 21 5.89 -18.80 34.34
CA THR B 21 4.61 -19.14 34.95
C THR B 21 4.84 -19.53 36.41
N SER B 22 4.15 -18.85 37.32
CA SER B 22 4.29 -19.08 38.76
C SER B 22 2.90 -19.15 39.37
N ASP B 23 2.44 -20.37 39.66
CA ASP B 23 1.19 -20.61 40.39
C ASP B 23 -0.01 -20.01 39.66
N GLY B 24 -0.07 -20.21 38.34
CA GLY B 24 -1.19 -19.78 37.53
C GLY B 24 -0.98 -18.45 36.83
N LYS B 25 -0.09 -17.61 37.32
CA LYS B 25 0.20 -16.33 36.69
C LYS B 25 1.39 -16.49 35.75
N SER B 26 1.27 -15.90 34.56
CA SER B 26 2.29 -16.02 33.54
C SER B 26 2.70 -14.64 33.03
N ILE B 27 3.99 -14.49 32.72
CA ILE B 27 4.53 -13.29 32.10
C ILE B 27 5.26 -13.72 30.84
N THR B 28 4.84 -13.18 29.70
CA THR B 28 5.37 -13.58 28.40
C THR B 28 5.97 -12.39 27.69
N LEU B 29 7.22 -12.53 27.26
CA LEU B 29 7.88 -11.57 26.40
C LEU B 29 8.93 -12.32 25.58
N TYR B 30 9.78 -11.59 24.88
CA TYR B 30 10.74 -12.18 23.96
C TYR B 30 12.16 -11.95 24.43
N GLY B 31 13.08 -12.73 23.87
CA GLY B 31 14.49 -12.62 24.16
C GLY B 31 15.30 -12.97 22.94
N LEU B 32 16.63 -13.00 23.12
CA LEU B 32 17.55 -13.30 22.05
C LEU B 32 18.51 -14.40 22.50
N GLN B 33 18.79 -15.34 21.59
CA GLN B 33 19.60 -16.52 21.89
C GLN B 33 21.04 -16.26 21.46
N TYR B 34 21.94 -16.16 22.43
CA TYR B 34 23.36 -15.94 22.17
C TYR B 34 24.15 -16.97 22.97
N GLY B 35 24.62 -18.02 22.30
CA GLY B 35 25.38 -19.05 22.98
C GLY B 35 24.53 -19.74 24.03
N ASN B 36 25.10 -19.91 25.22
CA ASN B 36 24.37 -20.44 26.37
C ASN B 36 23.71 -19.34 27.19
N TYR B 37 23.47 -18.17 26.58
CA TYR B 37 22.86 -17.05 27.27
C TYR B 37 21.65 -16.55 26.49
N ILE B 38 20.71 -15.96 27.21
CA ILE B 38 19.52 -15.36 26.63
C ILE B 38 19.43 -13.92 27.10
N ILE B 39 19.43 -12.98 26.15
CA ILE B 39 19.31 -11.56 26.46
C ILE B 39 17.84 -11.18 26.40
N THR B 40 17.30 -10.66 27.50
CA THR B 40 15.89 -10.35 27.59
C THR B 40 15.70 -9.18 28.54
N ASN B 41 14.43 -8.84 28.77
CA ASN B 41 14.09 -7.71 29.64
C ASN B 41 14.09 -8.15 31.10
N ARG B 42 14.39 -7.18 31.98
CA ARG B 42 14.39 -7.46 33.41
C ARG B 42 12.98 -7.62 33.96
N HIS B 43 12.00 -6.93 33.37
CA HIS B 43 10.65 -7.00 33.94
C HIS B 43 9.97 -8.35 33.66
N LEU B 44 10.69 -9.33 33.11
CA LEU B 44 10.16 -10.69 33.05
C LEU B 44 10.10 -11.32 34.43
N PHE B 45 11.04 -11.00 35.29
CA PHE B 45 11.15 -11.61 36.62
C PHE B 45 10.32 -10.88 37.66
N ARG B 46 9.06 -10.63 37.35
CA ARG B 46 8.13 -10.10 38.33
C ARG B 46 7.54 -11.19 39.21
N LEU B 47 7.57 -12.44 38.76
CA LEU B 47 7.06 -13.58 39.52
C LEU B 47 8.26 -14.37 40.03
N ASN B 48 8.57 -14.20 41.31
CA ASN B 48 9.63 -14.98 41.93
C ASN B 48 9.24 -16.46 42.00
N ASN B 49 10.24 -17.33 41.83
CA ASN B 49 10.05 -18.77 41.87
C ASN B 49 8.98 -19.23 40.90
N GLY B 50 9.39 -19.50 39.65
CA GLY B 50 8.45 -19.95 38.65
C GLY B 50 9.04 -20.96 37.69
N THR B 51 8.35 -21.21 36.58
CA THR B 51 8.79 -22.14 35.55
C THR B 51 9.04 -21.35 34.28
N LEU B 52 10.31 -21.18 33.92
CA LEU B 52 10.67 -20.42 32.72
C LEU B 52 10.59 -21.32 31.50
N THR B 53 9.67 -21.00 30.59
CA THR B 53 9.53 -21.72 29.32
C THR B 53 10.20 -20.90 28.22
N ILE B 54 11.14 -21.52 27.51
CA ILE B 54 11.85 -20.87 26.42
C ILE B 54 11.46 -21.57 25.12
N GLU B 55 10.90 -20.81 24.18
CA GLU B 55 10.51 -21.31 22.87
C GLU B 55 11.45 -20.75 21.83
N SER B 56 12.31 -21.60 21.29
CA SER B 56 13.21 -21.26 20.19
C SER B 56 12.89 -22.15 18.99
N LYS B 57 13.52 -21.83 17.86
CA LYS B 57 13.36 -22.67 16.68
C LYS B 57 14.02 -24.03 16.85
N ASN B 58 14.92 -24.17 17.83
CA ASN B 58 15.49 -25.46 18.14
C ASN B 58 14.48 -26.35 18.86
N GLY B 59 13.90 -25.84 19.94
CA GLY B 59 12.92 -26.58 20.69
C GLY B 59 12.39 -25.74 21.84
N THR B 60 11.42 -26.30 22.54
CA THR B 60 10.79 -25.66 23.69
C THR B 60 11.41 -26.24 24.96
N TYR B 61 12.14 -25.40 25.70
CA TYR B 61 12.84 -25.82 26.90
C TYR B 61 12.12 -25.32 28.13
N THR B 62 12.10 -26.15 29.18
CA THR B 62 11.44 -25.82 30.44
C THR B 62 12.44 -25.97 31.57
N ILE B 63 13.04 -24.85 31.98
CA ILE B 63 13.94 -24.81 33.12
C ILE B 63 13.19 -24.20 34.30
N ALA B 64 13.10 -24.95 35.39
CA ALA B 64 12.38 -24.51 36.57
C ALA B 64 13.36 -23.92 37.59
N ASP B 65 12.86 -23.65 38.79
CA ASP B 65 13.63 -23.00 39.86
C ASP B 65 14.17 -21.66 39.38
N SER B 66 13.24 -20.79 38.96
CA SER B 66 13.63 -19.49 38.44
C SER B 66 14.33 -18.63 39.50
N LYS B 67 14.13 -18.93 40.79
CA LYS B 67 14.94 -18.29 41.82
C LYS B 67 16.41 -18.66 41.67
N THR B 68 16.70 -19.93 41.41
CA THR B 68 18.08 -20.37 41.26
C THR B 68 18.71 -19.91 39.95
N LEU B 69 17.95 -19.32 39.05
CA LEU B 69 18.48 -18.92 37.75
C LEU B 69 19.50 -17.81 37.90
N GLU B 70 20.66 -17.99 37.29
CA GLU B 70 21.73 -17.00 37.32
C GLU B 70 21.50 -15.96 36.24
N VAL B 71 21.50 -14.69 36.63
CA VAL B 71 21.23 -13.58 35.71
C VAL B 71 22.21 -12.46 36.00
N HIS B 72 22.76 -11.86 34.94
CA HIS B 72 23.61 -10.69 35.06
C HIS B 72 22.80 -9.47 34.64
N LEU B 73 22.48 -8.62 35.60
CA LEU B 73 21.67 -7.44 35.31
C LEU B 73 22.53 -6.36 34.64
N ILE B 74 22.04 -5.82 33.54
CA ILE B 74 22.68 -4.67 32.92
C ILE B 74 22.36 -3.42 33.74
N GLU B 75 23.36 -2.57 33.92
CA GLU B 75 23.27 -1.45 34.84
C GLU B 75 22.16 -0.49 34.46
N GLY B 76 21.17 -0.35 35.34
CA GLY B 76 20.09 0.60 35.15
C GLY B 76 19.08 0.20 34.10
N LYS B 77 19.57 -0.35 32.99
CA LYS B 77 18.71 -0.72 31.88
C LYS B 77 17.76 -1.86 32.26
N ASP B 78 16.66 -1.96 31.51
CA ASP B 78 15.73 -3.08 31.65
C ASP B 78 16.27 -4.23 30.80
N LEU B 79 17.51 -4.62 31.03
CA LEU B 79 18.16 -5.67 30.26
C LEU B 79 18.84 -6.63 31.21
N VAL B 80 18.90 -7.90 30.82
CA VAL B 80 19.47 -8.94 31.68
C VAL B 80 19.94 -10.10 30.82
N ILE B 81 21.08 -10.65 31.19
CA ILE B 81 21.65 -11.81 30.51
C ILE B 81 21.35 -13.05 31.36
N LEU B 82 20.51 -13.94 30.82
CA LEU B 82 20.14 -15.17 31.51
C LEU B 82 21.13 -16.27 31.17
N LYS B 83 21.61 -16.98 32.19
CA LYS B 83 22.51 -18.11 32.00
C LYS B 83 21.69 -19.40 31.99
N MET B 84 21.83 -20.17 30.95
CA MET B 84 21.10 -21.42 30.88
C MET B 84 21.94 -22.56 31.45
N PRO B 85 21.30 -23.60 31.99
CA PRO B 85 22.06 -24.77 32.42
C PRO B 85 22.79 -25.42 31.26
N ASP B 86 23.88 -26.12 31.58
CA ASP B 86 24.69 -26.75 30.54
C ASP B 86 23.92 -27.79 29.74
N SER B 87 22.84 -28.34 30.31
CA SER B 87 22.06 -29.33 29.59
C SER B 87 21.35 -28.73 28.39
N VAL B 88 21.02 -27.44 28.45
CA VAL B 88 20.33 -26.78 27.34
C VAL B 88 21.33 -26.50 26.22
N PRO B 89 21.04 -26.90 24.99
CA PRO B 89 21.98 -26.64 23.89
C PRO B 89 22.17 -25.14 23.68
N ALA B 90 23.42 -24.76 23.41
CA ALA B 90 23.73 -23.36 23.16
C ALA B 90 23.25 -22.94 21.78
N ALA B 91 23.19 -21.64 21.58
CA ALA B 91 22.85 -21.05 20.29
C ALA B 91 24.10 -20.53 19.60
N ASP B 92 23.92 -20.06 18.37
CA ASP B 92 25.03 -19.44 17.67
C ASP B 92 25.29 -18.04 18.22
N THR B 93 26.53 -17.59 18.08
CA THR B 93 26.92 -16.24 18.48
C THR B 93 26.93 -15.28 17.30
N THR B 94 26.07 -15.51 16.31
CA THR B 94 26.02 -14.68 15.11
C THR B 94 25.29 -13.36 15.33
N LEU B 95 24.63 -13.18 16.48
CA LEU B 95 23.99 -11.91 16.77
C LEU B 95 25.05 -10.83 16.98
N LYS B 96 24.83 -9.67 16.36
CA LYS B 96 25.75 -8.54 16.44
C LYS B 96 25.06 -7.44 17.24
N PHE B 97 25.63 -7.11 18.40
CA PHE B 97 25.07 -6.09 19.28
C PHE B 97 25.92 -4.83 19.21
N LYS B 98 25.26 -3.68 19.23
CA LYS B 98 25.95 -2.40 19.17
C LYS B 98 25.11 -1.34 19.86
N LYS B 99 25.79 -0.32 20.39
CA LYS B 99 25.10 0.80 21.01
C LYS B 99 24.47 1.67 19.93
N PRO B 100 23.19 2.05 20.07
CA PRO B 100 22.50 2.73 18.98
C PRO B 100 23.08 4.11 18.69
N VAL B 101 22.99 4.50 17.42
CA VAL B 101 23.40 5.82 16.96
C VAL B 101 22.16 6.64 16.66
N GLU B 102 22.12 7.86 17.20
CA GLU B 102 20.96 8.72 17.01
C GLU B 102 20.75 9.02 15.53
N ASN B 103 19.48 9.11 15.13
CA ASN B 103 19.09 9.38 13.74
C ASN B 103 19.63 8.31 12.78
N GLU B 104 19.66 7.07 13.27
CA GLU B 104 19.95 5.90 12.45
C GLU B 104 18.72 5.01 12.46
N GLU B 105 18.18 4.73 11.28
CA GLU B 105 16.90 4.05 11.20
C GLU B 105 17.00 2.62 11.71
N VAL B 106 15.93 2.15 12.35
CA VAL B 106 15.86 0.81 12.92
C VAL B 106 14.60 0.13 12.41
N VAL B 107 14.55 -1.19 12.61
CA VAL B 107 13.38 -2.00 12.28
C VAL B 107 13.12 -2.95 13.43
N LEU B 108 11.85 -3.31 13.60
CA LEU B 108 11.43 -4.28 14.63
C LEU B 108 11.37 -5.66 13.98
N VAL B 109 12.40 -6.46 14.18
CA VAL B 109 12.41 -7.83 13.68
C VAL B 109 11.69 -8.72 14.69
N SER B 110 10.68 -9.44 14.21
CA SER B 110 9.85 -10.28 15.07
C SER B 110 9.58 -11.61 14.39
N ARG B 111 9.57 -12.68 15.18
CA ARG B 111 9.28 -14.03 14.72
C ARG B 111 7.92 -14.45 15.22
N ASP B 112 7.09 -15.00 14.33
CA ASP B 112 5.72 -15.38 14.65
C ASP B 112 5.68 -16.89 14.90
N PHE B 113 5.49 -17.27 16.17
CA PHE B 113 5.40 -18.68 16.55
C PHE B 113 4.00 -19.26 16.39
N SER B 114 2.99 -18.41 16.16
CA SER B 114 1.60 -18.89 16.15
C SER B 114 1.31 -19.72 14.91
N THR B 115 1.60 -19.18 13.73
CA THR B 115 1.31 -19.88 12.48
C THR B 115 2.11 -21.18 12.42
N PRO B 116 1.63 -22.18 11.69
CA PRO B 116 2.43 -23.40 11.52
C PRO B 116 3.76 -23.14 10.84
N GLU B 117 3.77 -22.28 9.83
CA GLU B 117 5.01 -21.84 9.21
C GLU B 117 5.42 -20.52 9.84
N PRO B 118 6.53 -20.46 10.59
CA PRO B 118 6.91 -19.21 11.24
C PRO B 118 7.33 -18.17 10.23
N LYS B 119 7.13 -16.91 10.59
CA LYS B 119 7.40 -15.79 9.70
C LYS B 119 8.46 -14.89 10.32
N CYS B 120 9.37 -14.40 9.49
CA CYS B 120 10.37 -13.42 9.89
C CYS B 120 9.84 -12.05 9.47
N LEU B 121 9.19 -11.36 10.42
CA LEU B 121 8.48 -10.13 10.13
C LEU B 121 9.38 -8.93 10.39
N VAL B 122 9.50 -8.06 9.39
CA VAL B 122 10.29 -6.83 9.49
C VAL B 122 9.33 -5.65 9.45
N SER B 123 9.38 -4.82 10.49
CA SER B 123 8.54 -3.63 10.55
C SER B 123 9.08 -2.55 9.62
N GLU B 124 8.33 -1.45 9.52
CA GLU B 124 8.75 -0.32 8.73
C GLU B 124 9.83 0.47 9.47
N SER B 125 10.71 1.11 8.70
CA SER B 125 11.84 1.81 9.29
C SER B 125 11.38 2.98 10.15
N SER B 126 11.94 3.07 11.35
CA SER B 126 11.67 4.16 12.27
C SER B 126 12.97 4.74 12.77
N LYS B 127 12.90 5.97 13.27
CA LYS B 127 14.07 6.67 13.77
C LYS B 127 14.10 6.62 15.30
N ILE B 128 15.31 6.70 15.85
CA ILE B 128 15.52 6.52 17.28
C ILE B 128 16.09 7.79 17.87
N THR B 129 15.73 8.06 19.12
CA THR B 129 16.24 9.19 19.90
C THR B 129 16.38 8.75 21.35
N PRO B 130 17.34 9.31 22.07
CA PRO B 130 17.47 8.99 23.49
C PRO B 130 16.37 9.66 24.30
N ASP B 131 16.06 9.06 25.44
CA ASP B 131 15.04 9.57 26.36
C ASP B 131 15.67 9.75 27.73
N ASN B 132 15.91 11.00 28.11
CA ASN B 132 16.50 11.38 29.40
C ASN B 132 17.88 10.73 29.49
N ASP B 133 18.18 9.97 30.55
CA ASP B 133 19.54 9.46 30.77
C ASP B 133 19.99 8.46 29.72
N GLY B 134 19.12 8.05 28.80
CA GLY B 134 19.45 7.06 27.80
C GLY B 134 19.08 5.63 28.18
N THR B 135 18.62 5.41 29.42
CA THR B 135 18.12 4.09 29.79
C THR B 135 16.99 3.66 28.86
N PHE B 136 16.13 4.59 28.49
CA PHE B 136 15.05 4.34 27.53
C PHE B 136 15.34 5.12 26.25
N TRP B 137 14.97 4.51 25.11
CA TRP B 137 15.06 5.16 23.81
C TRP B 137 13.71 5.05 23.12
N LYS B 138 13.36 6.08 22.35
CA LYS B 138 12.05 6.18 21.74
C LYS B 138 12.10 5.76 20.28
N HIS B 139 11.08 5.01 19.86
CA HIS B 139 10.90 4.65 18.46
C HIS B 139 9.42 4.75 18.12
N SER B 140 9.13 4.86 16.82
CA SER B 140 7.77 5.00 16.33
C SER B 140 7.26 3.72 15.67
N ILE B 141 7.59 2.57 16.25
CA ILE B 141 7.14 1.27 15.76
C ILE B 141 6.03 0.79 16.69
N PRO B 142 4.81 0.59 16.18
CA PRO B 142 3.74 0.05 17.02
C PRO B 142 4.10 -1.34 17.53
N THR B 143 3.89 -1.54 18.84
CA THR B 143 4.23 -2.79 19.50
C THR B 143 3.05 -3.27 20.31
N LYS B 144 2.70 -4.54 20.15
CA LYS B 144 1.64 -5.15 20.95
C LYS B 144 2.14 -5.39 22.39
N ASP B 145 1.21 -5.70 23.27
CA ASP B 145 1.59 -6.08 24.62
C ASP B 145 2.20 -7.48 24.61
N GLY B 146 3.21 -7.68 25.44
CA GLY B 146 3.97 -8.91 25.40
C GLY B 146 5.00 -8.98 24.30
N GLU B 147 5.17 -7.90 23.54
CA GLU B 147 6.21 -7.82 22.51
C GLU B 147 7.50 -7.21 23.03
N ALA B 148 7.68 -7.16 24.34
CA ALA B 148 8.93 -6.71 24.91
C ALA B 148 10.04 -7.72 24.63
N GLY B 149 11.28 -7.25 24.69
CA GLY B 149 12.42 -8.07 24.35
C GLY B 149 12.61 -8.34 22.88
N LEU B 150 11.68 -7.90 22.03
CA LEU B 150 11.87 -8.05 20.60
C LEU B 150 13.00 -7.15 20.13
N PRO B 151 13.85 -7.63 19.21
CA PRO B 151 15.05 -6.85 18.84
C PRO B 151 14.71 -5.63 17.99
N LEU B 152 15.41 -4.54 18.26
CA LEU B 152 15.39 -3.35 17.42
C LEU B 152 16.67 -3.37 16.60
N VAL B 153 16.55 -3.65 15.30
CA VAL B 153 17.69 -3.88 14.43
C VAL B 153 17.94 -2.63 13.58
N SER B 154 19.22 -2.24 13.49
CA SER B 154 19.60 -1.14 12.62
C SER B 154 19.58 -1.59 11.16
N THR B 155 19.04 -0.75 10.29
CA THR B 155 19.00 -1.05 8.86
C THR B 155 20.31 -0.74 8.15
N LYS B 156 21.28 -0.14 8.86
CA LYS B 156 22.55 0.22 8.24
C LYS B 156 23.57 -0.91 8.33
N ASP B 157 23.72 -1.52 9.51
CA ASP B 157 24.67 -2.60 9.71
C ASP B 157 24.04 -3.90 10.21
N GLY B 158 22.71 -3.92 10.39
CA GLY B 158 22.05 -5.14 10.82
C GLY B 158 22.38 -5.58 12.22
N THR B 159 22.71 -4.64 13.11
CA THR B 159 23.06 -4.95 14.49
C THR B 159 21.88 -4.64 15.40
N VAL B 160 21.62 -5.54 16.34
CA VAL B 160 20.58 -5.31 17.35
C VAL B 160 21.07 -4.19 18.26
N VAL B 161 20.39 -3.04 18.22
CA VAL B 161 20.78 -1.90 19.03
C VAL B 161 19.95 -1.78 20.30
N GLY B 162 18.98 -2.67 20.51
CA GLY B 162 18.18 -2.61 21.71
C GLY B 162 17.00 -3.56 21.62
N LEU B 163 16.37 -3.74 22.78
CA LEU B 163 15.19 -4.58 22.92
C LEU B 163 14.01 -3.73 23.36
N HIS B 164 12.85 -3.98 22.76
CA HIS B 164 11.67 -3.21 23.12
C HIS B 164 11.30 -3.46 24.58
N SER B 165 10.81 -2.42 25.24
CA SER B 165 10.59 -2.49 26.68
C SER B 165 9.18 -2.06 27.07
N ALA B 166 8.89 -0.76 26.95
CA ALA B 166 7.66 -0.21 27.48
C ALA B 166 7.03 0.75 26.48
N SER B 167 5.80 1.17 26.80
CA SER B 167 5.09 2.16 26.01
C SER B 167 4.20 2.96 26.96
N ASN B 168 3.65 4.06 26.45
CA ASN B 168 2.67 4.81 27.22
C ASN B 168 1.30 4.17 27.11
N PHE B 169 0.41 4.54 28.03
CA PHE B 169 -0.89 3.89 28.12
C PHE B 169 -1.72 4.13 26.86
N ASN B 170 -1.66 5.34 26.30
CA ASN B 170 -2.38 5.62 25.06
C ASN B 170 -1.72 4.99 23.85
N ASN B 171 -0.55 4.35 24.01
CA ASN B 171 0.12 3.62 22.93
C ASN B 171 0.47 4.55 21.76
N THR B 172 0.93 5.76 22.08
CA THR B 172 1.41 6.69 21.07
C THR B 172 2.92 6.88 21.07
N ASN B 173 3.58 6.62 22.19
CA ASN B 173 5.03 6.67 22.29
C ASN B 173 5.55 5.31 22.74
N PHE B 174 6.58 4.83 22.07
CA PHE B 174 7.12 3.49 22.30
C PHE B 174 8.58 3.59 22.71
N TYR B 175 8.96 2.75 23.68
CA TYR B 175 10.27 2.85 24.32
C TYR B 175 10.96 1.49 24.30
N PHE B 176 12.21 1.48 23.84
CA PHE B 176 13.03 0.28 23.88
C PHE B 176 14.28 0.54 24.71
N THR B 177 14.75 -0.52 25.38
CA THR B 177 15.96 -0.43 26.18
C THR B 177 17.18 -0.57 25.26
N ALA B 178 18.00 0.47 25.22
CA ALA B 178 19.14 0.50 24.31
C ALA B 178 20.21 -0.51 24.75
N ILE B 179 20.97 -0.99 23.78
CA ILE B 179 22.08 -1.90 24.07
C ILE B 179 23.23 -1.11 24.66
N PRO B 180 23.85 -1.56 25.75
CA PRO B 180 24.96 -0.82 26.35
C PRO B 180 26.23 -0.92 25.50
N GLU B 181 27.22 -0.15 25.89
CA GLU B 181 28.52 -0.18 25.23
C GLU B 181 29.33 -1.36 25.74
N ASN B 182 30.13 -1.95 24.84
CA ASN B 182 30.88 -3.17 25.13
C ASN B 182 29.97 -4.33 25.50
N PHE B 183 28.80 -4.41 24.84
CA PHE B 183 27.90 -5.52 25.11
C PHE B 183 28.47 -6.84 24.59
N MET B 184 29.19 -6.80 23.46
CA MET B 184 29.77 -8.03 22.92
C MET B 184 30.89 -8.56 23.82
N GLU B 185 31.68 -7.66 24.40
CA GLU B 185 32.72 -8.10 25.33
C GLU B 185 32.12 -8.76 26.56
N LEU B 186 30.97 -8.25 27.02
CA LEU B 186 30.34 -8.82 28.21
C LEU B 186 29.81 -10.22 27.94
N LEU B 187 29.26 -10.46 26.74
CA LEU B 187 28.73 -11.78 26.41
C LEU B 187 29.84 -12.81 26.20
N ASN B 188 31.05 -12.37 25.86
CA ASN B 188 32.13 -13.28 25.52
C ASN B 188 33.21 -13.39 26.60
N ASP B 189 33.27 -12.45 27.53
CA ASP B 189 34.27 -12.45 28.60
C ASP B 189 33.54 -12.52 29.93
N GLU B 190 33.71 -13.64 30.64
CA GLU B 190 32.94 -13.89 31.86
C GLU B 190 33.42 -13.06 33.05
N SER B 191 34.68 -12.62 33.05
CA SER B 191 35.18 -11.83 34.16
C SER B 191 34.43 -10.51 34.33
N LYS B 192 33.69 -10.07 33.30
CA LYS B 192 32.87 -8.88 33.40
C LYS B 192 31.45 -9.17 33.87
N ARG B 193 31.06 -10.43 33.93
CA ARG B 193 29.71 -10.82 34.33
C ARG B 193 29.69 -11.24 35.79
N LYS B 194 28.81 -10.61 36.58
CA LYS B 194 28.59 -11.00 37.97
C LYS B 194 27.18 -11.56 38.07
N TRP B 195 27.08 -12.87 38.26
CA TRP B 195 25.79 -13.53 38.30
C TRP B 195 25.14 -13.39 39.67
N ILE B 196 23.84 -13.10 39.67
CA ILE B 196 23.07 -13.03 40.91
C ILE B 196 21.84 -13.93 40.76
N LYS B 197 21.45 -14.53 41.87
CA LYS B 197 20.36 -15.50 41.90
C LYS B 197 19.17 -14.92 42.67
N GLY B 198 17.97 -15.29 42.22
CA GLY B 198 16.76 -14.92 42.91
C GLY B 198 16.31 -13.49 42.74
N TRP B 199 16.87 -12.75 41.78
CA TRP B 199 16.45 -11.38 41.57
C TRP B 199 15.04 -11.35 41.02
N HIS B 200 14.16 -10.62 41.70
CA HIS B 200 12.75 -10.55 41.32
C HIS B 200 12.21 -9.16 41.63
N LEU B 201 11.51 -8.58 40.65
CA LEU B 201 10.92 -7.25 40.80
C LEU B 201 9.65 -7.38 41.62
N THR B 202 9.71 -6.98 42.89
CA THR B 202 8.60 -7.22 43.81
C THR B 202 7.49 -6.19 43.65
N SER B 203 7.85 -4.91 43.56
CA SER B 203 6.85 -3.85 43.53
C SER B 203 6.09 -3.86 42.19
N ASN B 204 5.02 -3.07 42.15
CA ASN B 204 4.21 -2.90 40.95
C ASN B 204 4.56 -1.64 40.18
N SER B 205 5.52 -0.86 40.65
CA SER B 205 5.90 0.39 40.00
C SER B 205 7.40 0.62 40.22
N VAL B 206 8.07 1.09 39.17
CA VAL B 206 9.50 1.38 39.22
C VAL B 206 9.73 2.76 38.62
N GLU B 207 10.95 3.27 38.82
CA GLU B 207 11.37 4.58 38.33
C GLU B 207 12.60 4.38 37.45
N TRP B 208 12.38 3.97 36.20
CA TRP B 208 13.44 3.72 35.25
C TRP B 208 13.41 4.76 34.13
N GLY B 209 14.59 5.28 33.80
CA GLY B 209 14.70 6.26 32.73
C GLY B 209 13.92 7.53 32.99
N GLY B 210 13.76 7.94 34.25
CA GLY B 210 12.99 9.11 34.59
C GLY B 210 11.50 8.97 34.45
N HIS B 211 11.01 7.80 34.04
CA HIS B 211 9.58 7.56 33.88
C HIS B 211 9.09 6.63 34.98
N LYS B 212 7.88 6.87 35.45
CA LYS B 212 7.21 5.93 36.35
C LYS B 212 6.63 4.82 35.49
N VAL B 213 7.23 3.64 35.54
CA VAL B 213 6.84 2.50 34.71
C VAL B 213 6.04 1.52 35.56
N PHE B 214 4.93 1.04 35.02
CA PHE B 214 4.06 0.09 35.70
C PHE B 214 4.18 -1.28 35.05
N MET B 215 3.95 -2.33 35.84
CA MET B 215 3.99 -3.69 35.32
C MET B 215 2.82 -3.99 34.41
N ASP B 216 1.70 -3.28 34.55
CA ASP B 216 0.53 -3.51 33.72
C ASP B 216 -0.41 -2.32 33.75
N HIS C 3 -23.93 -20.11 -6.70
CA HIS C 3 -23.41 -20.83 -5.54
C HIS C 3 -22.54 -22.02 -5.95
N MET C 4 -21.23 -21.79 -5.96
CA MET C 4 -20.22 -22.79 -6.28
C MET C 4 -19.29 -22.91 -5.07
N PRO C 5 -18.25 -23.76 -5.11
CA PRO C 5 -17.26 -23.73 -4.03
C PRO C 5 -16.66 -22.34 -3.89
N ARG C 6 -16.67 -21.82 -2.66
CA ARG C 6 -16.22 -20.48 -2.38
C ARG C 6 -15.22 -20.48 -1.23
N ASP C 7 -14.14 -19.72 -1.39
CA ASP C 7 -13.12 -19.57 -0.37
C ASP C 7 -13.46 -18.36 0.49
N TYR C 8 -13.63 -18.58 1.79
CA TYR C 8 -13.92 -17.51 2.74
C TYR C 8 -12.68 -17.08 3.51
N THR C 9 -11.49 -17.44 3.01
CA THR C 9 -10.25 -17.06 3.70
C THR C 9 -10.12 -15.55 3.89
N PRO C 10 -10.40 -14.69 2.89
CA PRO C 10 -10.37 -13.24 3.18
C PRO C 10 -11.28 -12.85 4.33
N ILE C 11 -12.53 -13.31 4.32
CA ILE C 11 -13.45 -13.01 5.41
C ILE C 11 -12.97 -13.65 6.70
N CYS C 12 -12.39 -14.84 6.61
CA CYS C 12 -11.97 -15.56 7.83
C CYS C 12 -10.87 -14.82 8.55
N ASP C 13 -9.86 -14.34 7.82
CA ASP C 13 -8.67 -13.80 8.46
C ASP C 13 -8.93 -12.41 9.06
N ASN C 14 -9.87 -11.66 8.50
CA ASN C 14 -10.13 -10.29 8.95
C ASN C 14 -11.24 -10.20 9.99
N ILE C 15 -11.76 -11.33 10.48
CA ILE C 15 -12.68 -11.29 11.61
C ILE C 15 -11.90 -10.95 12.87
N VAL C 16 -12.45 -10.05 13.68
CA VAL C 16 -11.85 -9.66 14.94
C VAL C 16 -12.85 -9.90 16.07
N LYS C 17 -12.32 -10.07 17.27
CA LYS C 17 -13.12 -10.23 18.48
C LYS C 17 -12.91 -9.02 19.37
N LEU C 18 -13.96 -8.24 19.58
CA LEU C 18 -13.91 -6.99 20.32
C LEU C 18 -14.56 -7.16 21.68
N THR C 19 -13.87 -6.75 22.73
CA THR C 19 -14.37 -6.85 24.10
C THR C 19 -14.19 -5.50 24.79
N LEU C 20 -15.30 -4.91 25.21
CA LEU C 20 -15.29 -3.63 25.93
C LEU C 20 -15.55 -3.92 27.41
N THR C 21 -14.63 -3.50 28.27
CA THR C 21 -14.72 -3.75 29.70
C THR C 21 -14.59 -2.43 30.44
N SER C 22 -15.60 -2.11 31.26
CA SER C 22 -15.59 -0.88 32.05
C SER C 22 -16.17 -1.20 33.42
N ASP C 23 -15.33 -1.15 34.45
CA ASP C 23 -15.75 -1.38 35.84
C ASP C 23 -16.36 -2.76 36.03
N GLY C 24 -15.71 -3.78 35.46
CA GLY C 24 -16.17 -5.14 35.58
C GLY C 24 -17.25 -5.55 34.59
N LYS C 25 -17.95 -4.59 33.98
CA LYS C 25 -18.95 -4.90 32.98
C LYS C 25 -18.26 -5.15 31.64
N SER C 26 -18.52 -6.30 31.04
CA SER C 26 -17.84 -6.72 29.82
C SER C 26 -18.85 -6.99 28.72
N ILE C 27 -18.59 -6.46 27.52
CA ILE C 27 -19.40 -6.72 26.34
C ILE C 27 -18.49 -7.27 25.26
N THR C 28 -18.88 -8.39 24.66
CA THR C 28 -18.06 -9.09 23.68
C THR C 28 -18.88 -9.37 22.43
N LEU C 29 -18.40 -8.89 21.29
CA LEU C 29 -18.97 -9.25 19.99
C LEU C 29 -17.83 -9.25 18.97
N TYR C 30 -18.16 -9.62 17.74
CA TYR C 30 -17.17 -9.74 16.69
C TYR C 30 -17.22 -8.53 15.76
N GLY C 31 -16.22 -8.44 14.88
CA GLY C 31 -16.13 -7.35 13.93
C GLY C 31 -15.36 -7.76 12.69
N LEU C 32 -15.08 -6.80 11.82
CA LEU C 32 -14.36 -7.05 10.59
C LEU C 32 -13.27 -5.99 10.39
N GLN C 33 -12.19 -6.39 9.72
CA GLN C 33 -11.03 -5.55 9.51
C GLN C 33 -10.88 -5.22 8.04
N TYR C 34 -10.88 -3.93 7.72
CA TYR C 34 -10.62 -3.46 6.36
C TYR C 34 -9.75 -2.22 6.47
N GLY C 35 -8.46 -2.37 6.18
CA GLY C 35 -7.53 -1.27 6.35
C GLY C 35 -7.36 -0.93 7.83
N ASN C 36 -7.21 0.35 8.11
CA ASN C 36 -7.04 0.80 9.49
C ASN C 36 -8.40 1.10 10.10
N TYR C 37 -9.43 0.38 9.66
CA TYR C 37 -10.78 0.55 10.18
C TYR C 37 -11.34 -0.81 10.59
N ILE C 38 -12.28 -0.77 11.53
CA ILE C 38 -12.97 -1.96 12.01
C ILE C 38 -14.47 -1.73 11.90
N ILE C 39 -15.18 -2.70 11.31
CA ILE C 39 -16.61 -2.63 11.12
C ILE C 39 -17.27 -3.54 12.15
N THR C 40 -18.14 -2.99 12.98
CA THR C 40 -18.82 -3.76 14.02
C THR C 40 -20.15 -3.10 14.34
N ASN C 41 -20.86 -3.69 15.29
CA ASN C 41 -22.17 -3.18 15.71
C ASN C 41 -22.01 -1.95 16.61
N ARG C 42 -23.05 -1.12 16.63
CA ARG C 42 -23.04 0.04 17.52
C ARG C 42 -23.32 -0.34 18.97
N HIS C 43 -24.08 -1.43 19.20
CA HIS C 43 -24.41 -1.78 20.58
C HIS C 43 -23.23 -2.36 21.36
N LEU C 44 -22.01 -2.30 20.80
CA LEU C 44 -20.83 -2.63 21.59
C LEU C 44 -20.52 -1.54 22.60
N PHE C 45 -20.79 -0.28 22.25
CA PHE C 45 -20.42 0.85 23.09
C PHE C 45 -21.58 1.25 24.02
N ARG C 46 -22.01 0.29 24.84
CA ARG C 46 -22.96 0.60 25.89
C ARG C 46 -22.26 1.24 27.10
N LEU C 47 -21.05 0.77 27.39
CA LEU C 47 -20.27 1.31 28.49
C LEU C 47 -19.62 2.63 28.09
N ASN C 48 -18.93 3.26 29.03
CA ASN C 48 -18.30 4.55 28.81
C ASN C 48 -16.88 4.53 29.35
N ASN C 49 -15.94 5.05 28.56
CA ASN C 49 -14.53 5.16 28.95
C ASN C 49 -13.94 3.82 29.35
N GLY C 50 -14.43 2.74 28.76
CA GLY C 50 -13.92 1.41 29.03
C GLY C 50 -12.66 1.11 28.26
N THR C 51 -12.31 -0.17 28.24
CA THR C 51 -11.11 -0.66 27.57
C THR C 51 -11.53 -1.58 26.44
N LEU C 52 -11.11 -1.26 25.22
CA LEU C 52 -11.41 -2.07 24.05
C LEU C 52 -10.27 -3.05 23.78
N THR C 53 -10.61 -4.33 23.66
CA THR C 53 -9.66 -5.38 23.34
C THR C 53 -10.00 -5.92 21.95
N ILE C 54 -9.04 -5.83 21.03
CA ILE C 54 -9.21 -6.27 19.67
C ILE C 54 -8.39 -7.54 19.47
N GLU C 55 -9.07 -8.66 19.24
CA GLU C 55 -8.42 -9.94 19.01
C GLU C 55 -8.48 -10.24 17.51
N SER C 56 -7.33 -10.24 16.86
CA SER C 56 -7.23 -10.54 15.44
C SER C 56 -6.35 -11.77 15.23
N LYS C 57 -6.24 -12.19 13.97
CA LYS C 57 -5.40 -13.34 13.65
C LYS C 57 -3.94 -13.08 13.98
N ASN C 58 -3.47 -11.85 13.76
CA ASN C 58 -2.06 -11.53 13.96
C ASN C 58 -1.73 -11.33 15.43
N GLY C 59 -2.63 -10.71 16.20
CA GLY C 59 -2.36 -10.49 17.60
C GLY C 59 -3.52 -9.79 18.27
N THR C 60 -3.33 -9.50 19.56
CA THR C 60 -4.34 -8.86 20.38
C THR C 60 -3.88 -7.44 20.72
N TYR C 61 -4.80 -6.47 20.59
CA TYR C 61 -4.52 -5.07 20.87
C TYR C 61 -5.48 -4.57 21.93
N THR C 62 -4.95 -3.80 22.89
CA THR C 62 -5.71 -3.30 24.02
C THR C 62 -5.65 -1.77 24.01
N ILE C 63 -6.74 -1.13 23.59
CA ILE C 63 -6.82 0.32 23.62
C ILE C 63 -7.15 0.77 25.04
N ALA C 64 -6.44 1.81 25.50
CA ALA C 64 -6.58 2.24 26.89
C ALA C 64 -7.96 2.84 27.15
N ASP C 65 -8.28 3.94 26.48
CA ASP C 65 -9.53 4.67 26.71
C ASP C 65 -10.37 4.65 25.45
N SER C 66 -11.66 4.30 25.61
CA SER C 66 -12.57 4.30 24.48
C SER C 66 -13.05 5.70 24.11
N LYS C 67 -12.96 6.66 25.04
CA LYS C 67 -13.34 8.02 24.72
C LYS C 67 -12.41 8.62 23.67
N THR C 68 -11.15 8.22 23.65
CA THR C 68 -10.20 8.71 22.67
C THR C 68 -10.41 8.09 21.29
N LEU C 69 -11.31 7.11 21.17
CA LEU C 69 -11.52 6.44 19.90
C LEU C 69 -12.41 7.26 18.98
N GLU C 70 -12.13 7.18 17.68
CA GLU C 70 -12.90 7.86 16.65
C GLU C 70 -13.81 6.86 15.97
N VAL C 71 -15.10 7.18 15.90
CA VAL C 71 -16.09 6.29 15.31
C VAL C 71 -16.95 7.07 14.32
N HIS C 72 -17.39 6.37 13.28
CA HIS C 72 -18.33 6.91 12.29
C HIS C 72 -19.59 6.09 12.37
N LEU C 73 -20.68 6.69 12.84
CA LEU C 73 -21.93 5.98 13.03
C LEU C 73 -22.67 5.88 11.71
N ILE C 74 -22.95 4.65 11.27
CA ILE C 74 -23.75 4.43 10.08
C ILE C 74 -25.17 4.90 10.35
N GLU C 75 -25.74 5.64 9.40
CA GLU C 75 -27.01 6.33 9.62
C GLU C 75 -28.14 5.32 9.80
N GLY C 76 -28.78 5.37 10.97
CA GLY C 76 -29.94 4.54 11.26
C GLY C 76 -29.68 3.04 11.28
N LYS C 77 -28.43 2.61 11.36
CA LYS C 77 -28.10 1.20 11.34
C LYS C 77 -27.24 0.86 12.55
N ASP C 78 -27.28 -0.41 12.95
CA ASP C 78 -26.45 -0.92 14.04
C ASP C 78 -25.06 -1.30 13.51
N LEU C 79 -24.41 -0.31 12.89
CA LEU C 79 -23.08 -0.48 12.33
C LEU C 79 -22.25 0.77 12.61
N VAL C 80 -20.94 0.57 12.76
CA VAL C 80 -20.03 1.66 13.08
C VAL C 80 -18.65 1.30 12.55
N ILE C 81 -17.98 2.30 11.97
CA ILE C 81 -16.61 2.15 11.50
C ILE C 81 -15.69 2.78 12.52
N LEU C 82 -14.72 2.01 13.01
CA LEU C 82 -13.80 2.46 14.04
C LEU C 82 -12.44 2.73 13.39
N LYS C 83 -12.02 3.99 13.39
CA LYS C 83 -10.67 4.32 12.94
C LYS C 83 -9.67 3.72 13.92
N MET C 84 -8.75 2.90 13.40
CA MET C 84 -7.84 2.33 14.39
C MET C 84 -6.68 3.30 14.65
N PRO C 85 -6.29 3.46 15.91
CA PRO C 85 -5.15 4.32 16.23
C PRO C 85 -3.86 3.77 15.62
N ASP C 86 -2.83 4.62 15.64
CA ASP C 86 -1.56 4.26 15.03
C ASP C 86 -0.86 3.10 15.72
N SER C 87 -1.35 2.65 16.87
CA SER C 87 -0.76 1.50 17.54
C SER C 87 -1.28 0.18 17.00
N VAL C 88 -2.35 0.19 16.21
CA VAL C 88 -2.93 -1.02 15.63
C VAL C 88 -2.64 -1.01 14.13
N PRO C 89 -1.85 -1.95 13.62
CA PRO C 89 -1.58 -1.97 12.18
C PRO C 89 -2.84 -2.22 11.37
N ALA C 90 -2.86 -1.69 10.16
CA ALA C 90 -4.01 -1.85 9.27
C ALA C 90 -4.07 -3.28 8.74
N ALA C 91 -5.23 -3.63 8.21
CA ALA C 91 -5.47 -4.96 7.67
C ALA C 91 -5.61 -4.89 6.15
N ASP C 92 -5.73 -6.06 5.54
CA ASP C 92 -5.85 -6.14 4.09
C ASP C 92 -7.16 -5.55 3.62
N THR C 93 -7.10 -4.83 2.48
CA THR C 93 -8.29 -4.31 1.82
C THR C 93 -8.90 -5.32 0.85
N THR C 94 -8.80 -6.61 1.16
CA THR C 94 -9.24 -7.64 0.22
C THR C 94 -10.74 -7.90 0.28
N LEU C 95 -11.38 -7.62 1.40
CA LEU C 95 -12.82 -7.80 1.51
C LEU C 95 -13.56 -6.85 0.59
N LYS C 96 -14.79 -7.22 0.26
CA LYS C 96 -15.70 -6.34 -0.47
C LYS C 96 -17.05 -6.37 0.22
N PHE C 97 -17.56 -5.19 0.55
CA PHE C 97 -18.87 -5.04 1.15
C PHE C 97 -19.89 -4.61 0.10
N LYS C 98 -21.14 -5.05 0.28
CA LYS C 98 -22.20 -4.70 -0.65
C LYS C 98 -23.53 -4.75 0.08
N LYS C 99 -24.49 -3.99 -0.43
CA LYS C 99 -25.83 -4.01 0.15
C LYS C 99 -26.48 -5.37 -0.10
N PRO C 100 -27.11 -5.97 0.90
CA PRO C 100 -27.74 -7.29 0.70
C PRO C 100 -28.87 -7.19 -0.30
N VAL C 101 -28.83 -8.08 -1.30
CA VAL C 101 -29.86 -8.16 -2.33
C VAL C 101 -30.72 -9.38 -2.04
N GLU C 102 -32.04 -9.23 -2.17
CA GLU C 102 -32.92 -10.37 -2.04
C GLU C 102 -32.70 -11.33 -3.22
N ASN C 103 -33.40 -12.47 -3.18
CA ASN C 103 -33.17 -13.57 -4.11
C ASN C 103 -31.72 -14.07 -4.04
N GLU C 104 -31.03 -13.78 -2.93
CA GLU C 104 -29.67 -14.22 -2.69
C GLU C 104 -29.62 -15.03 -1.40
N GLU C 105 -28.57 -15.82 -1.27
CA GLU C 105 -28.34 -16.63 -0.08
C GLU C 105 -27.07 -16.16 0.61
N VAL C 106 -27.08 -16.23 1.95
CA VAL C 106 -25.94 -15.79 2.74
C VAL C 106 -25.49 -16.94 3.64
N VAL C 107 -24.27 -16.80 4.16
CA VAL C 107 -23.74 -17.71 5.15
C VAL C 107 -23.11 -16.87 6.25
N LEU C 108 -22.98 -17.48 7.43
CA LEU C 108 -22.39 -16.82 8.59
C LEU C 108 -20.99 -17.39 8.79
N VAL C 109 -19.99 -16.53 8.62
CA VAL C 109 -18.60 -16.92 8.81
C VAL C 109 -18.19 -16.58 10.23
N SER C 110 -17.82 -17.61 11.00
CA SER C 110 -17.44 -17.45 12.39
C SER C 110 -15.99 -17.88 12.59
N ARG C 111 -15.27 -17.16 13.44
CA ARG C 111 -13.90 -17.48 13.80
C ARG C 111 -13.81 -17.70 15.30
N ASP C 112 -13.31 -18.87 15.70
CA ASP C 112 -13.13 -19.20 17.10
C ASP C 112 -11.66 -18.95 17.45
N PHE C 113 -11.40 -17.90 18.23
CA PHE C 113 -10.04 -17.48 18.53
C PHE C 113 -9.38 -18.30 19.62
N SER C 114 -10.14 -19.14 20.33
CA SER C 114 -9.61 -19.94 21.42
C SER C 114 -9.72 -21.43 21.12
N THR C 115 -9.37 -21.82 19.89
CA THR C 115 -9.38 -23.22 19.48
C THR C 115 -8.25 -23.43 18.48
N PRO C 116 -7.66 -24.63 18.44
CA PRO C 116 -6.61 -24.90 17.45
C PRO C 116 -7.14 -25.54 16.18
N GLU C 117 -8.33 -26.14 16.28
CA GLU C 117 -9.01 -26.85 15.21
C GLU C 117 -9.42 -25.86 14.11
N PRO C 118 -10.13 -26.32 13.02
CA PRO C 118 -10.53 -25.41 11.92
C PRO C 118 -10.62 -23.91 12.18
N LYS C 119 -10.96 -23.51 13.42
CA LYS C 119 -11.00 -22.10 13.83
C LYS C 119 -12.11 -21.34 13.10
N CYS C 120 -11.97 -21.18 11.79
CA CYS C 120 -12.96 -20.49 10.98
C CYS C 120 -13.87 -21.50 10.31
N LEU C 121 -15.18 -21.31 10.48
CA LEU C 121 -16.18 -22.21 9.91
C LEU C 121 -17.29 -21.40 9.27
N VAL C 122 -17.86 -21.96 8.20
CA VAL C 122 -18.90 -21.31 7.41
C VAL C 122 -20.22 -21.99 7.72
N SER C 123 -21.23 -21.19 8.07
CA SER C 123 -22.53 -21.72 8.43
C SER C 123 -23.27 -22.18 7.17
N GLU C 124 -24.53 -22.57 7.35
CA GLU C 124 -25.34 -23.06 6.24
C GLU C 124 -25.86 -21.89 5.40
N SER C 125 -26.26 -22.21 4.17
CA SER C 125 -26.83 -21.20 3.28
C SER C 125 -28.25 -20.87 3.73
N SER C 126 -28.54 -19.58 3.88
CA SER C 126 -29.85 -19.13 4.34
C SER C 126 -30.31 -17.94 3.50
N LYS C 127 -31.57 -17.98 3.11
CA LYS C 127 -32.16 -16.86 2.38
C LYS C 127 -32.31 -15.65 3.31
N ILE C 128 -32.17 -14.46 2.72
CA ILE C 128 -32.33 -13.21 3.44
C ILE C 128 -33.62 -12.55 3.01
N THR C 129 -34.27 -11.87 3.96
CA THR C 129 -35.47 -11.10 3.67
C THR C 129 -35.39 -9.75 4.36
N PRO C 130 -35.77 -8.67 3.67
CA PRO C 130 -35.78 -7.35 4.31
C PRO C 130 -36.84 -7.26 5.38
N ASP C 131 -36.63 -6.34 6.31
CA ASP C 131 -37.54 -6.14 7.44
C ASP C 131 -37.77 -4.65 7.61
N ASN C 132 -38.99 -4.20 7.33
CA ASN C 132 -39.41 -2.80 7.49
C ASN C 132 -38.55 -1.93 6.59
N ASP C 133 -37.85 -0.91 7.10
CA ASP C 133 -37.12 0.04 6.28
C ASP C 133 -35.81 -0.51 5.73
N GLY C 134 -35.53 -1.80 5.92
CA GLY C 134 -34.31 -2.38 5.43
C GLY C 134 -33.10 -2.19 6.34
N THR C 135 -33.24 -1.42 7.41
CA THR C 135 -32.13 -1.30 8.36
C THR C 135 -31.84 -2.63 9.05
N PHE C 136 -32.86 -3.47 9.19
CA PHE C 136 -32.71 -4.82 9.69
C PHE C 136 -33.12 -5.81 8.61
N TRP C 137 -32.35 -6.87 8.47
CA TRP C 137 -32.69 -8.00 7.60
C TRP C 137 -32.73 -9.26 8.44
N LYS C 138 -33.34 -10.31 7.90
CA LYS C 138 -33.53 -11.55 8.64
C LYS C 138 -32.82 -12.71 7.94
N HIS C 139 -32.35 -13.65 8.75
CA HIS C 139 -31.70 -14.86 8.26
C HIS C 139 -32.06 -16.02 9.18
N SER C 140 -32.03 -17.23 8.62
CA SER C 140 -32.45 -18.42 9.34
C SER C 140 -31.29 -19.12 10.07
N ILE C 141 -30.09 -18.55 10.04
CA ILE C 141 -28.94 -19.16 10.70
C ILE C 141 -29.04 -18.91 12.20
N PRO C 142 -29.13 -19.95 13.02
CA PRO C 142 -29.18 -19.74 14.48
C PRO C 142 -27.90 -19.13 15.00
N THR C 143 -28.03 -18.09 15.83
CA THR C 143 -26.91 -17.34 16.34
C THR C 143 -26.96 -17.30 17.86
N LYS C 144 -25.82 -17.50 18.49
CA LYS C 144 -25.71 -17.47 19.94
C LYS C 144 -25.44 -16.05 20.43
N ASP C 145 -25.55 -15.85 21.74
CA ASP C 145 -25.28 -14.56 22.33
C ASP C 145 -23.78 -14.25 22.25
N GLY C 146 -23.47 -13.00 21.93
CA GLY C 146 -22.10 -12.61 21.68
C GLY C 146 -21.61 -12.89 20.26
N GLU C 147 -22.45 -13.49 19.42
CA GLU C 147 -22.10 -13.75 18.03
C GLU C 147 -22.49 -12.61 17.11
N ALA C 148 -22.89 -11.47 17.65
CA ALA C 148 -23.13 -10.31 16.83
C ALA C 148 -21.83 -9.79 16.24
N GLY C 149 -21.95 -9.04 15.14
CA GLY C 149 -20.80 -8.58 14.40
C GLY C 149 -20.14 -9.62 13.53
N LEU C 150 -20.56 -10.88 13.63
CA LEU C 150 -20.07 -11.90 12.72
C LEU C 150 -20.60 -11.63 11.32
N PRO C 151 -19.76 -11.67 10.29
CA PRO C 151 -20.20 -11.24 8.96
C PRO C 151 -21.16 -12.23 8.31
N LEU C 152 -22.16 -11.67 7.62
CA LEU C 152 -23.02 -12.44 6.73
C LEU C 152 -22.52 -12.23 5.30
N VAL C 153 -22.08 -13.31 4.66
CA VAL C 153 -21.41 -13.25 3.37
C VAL C 153 -22.32 -13.88 2.32
N SER C 154 -22.47 -13.19 1.19
CA SER C 154 -23.28 -13.71 0.09
C SER C 154 -22.61 -14.93 -0.54
N THR C 155 -23.41 -15.95 -0.83
CA THR C 155 -22.89 -17.13 -1.51
C THR C 155 -22.60 -16.87 -2.98
N LYS C 156 -23.13 -15.78 -3.54
CA LYS C 156 -22.89 -15.43 -4.94
C LYS C 156 -21.62 -14.59 -5.10
N ASP C 157 -21.63 -13.38 -4.52
CA ASP C 157 -20.52 -12.46 -4.68
C ASP C 157 -19.37 -12.74 -3.72
N GLY C 158 -19.61 -13.52 -2.67
CA GLY C 158 -18.62 -13.61 -1.61
C GLY C 158 -18.40 -12.32 -0.88
N THR C 159 -19.38 -11.44 -0.88
CA THR C 159 -19.28 -10.12 -0.28
C THR C 159 -20.00 -10.09 1.05
N VAL C 160 -19.45 -9.33 2.00
CA VAL C 160 -20.09 -9.15 3.31
C VAL C 160 -21.30 -8.24 3.10
N VAL C 161 -22.51 -8.83 3.20
CA VAL C 161 -23.73 -8.05 3.03
C VAL C 161 -24.25 -7.49 4.34
N GLY C 162 -23.72 -7.92 5.48
CA GLY C 162 -24.17 -7.38 6.75
C GLY C 162 -23.51 -8.11 7.90
N LEU C 163 -23.66 -7.52 9.08
CA LEU C 163 -23.17 -8.07 10.33
C LEU C 163 -24.35 -8.48 11.20
N HIS C 164 -24.23 -9.62 11.87
CA HIS C 164 -25.32 -10.09 12.72
C HIS C 164 -25.52 -9.13 13.89
N SER C 165 -26.79 -8.94 14.30
CA SER C 165 -27.10 -7.95 15.30
C SER C 165 -27.97 -8.51 16.43
N ALA C 166 -29.23 -8.78 16.16
CA ALA C 166 -30.19 -9.12 17.21
C ALA C 166 -30.93 -10.41 16.86
N SER C 167 -31.81 -10.82 17.77
CA SER C 167 -32.61 -12.02 17.61
C SER C 167 -33.80 -11.95 18.56
N ASN C 168 -34.81 -12.77 18.27
CA ASN C 168 -35.98 -12.84 19.13
C ASN C 168 -35.60 -13.37 20.51
N PHE C 169 -36.39 -12.99 21.52
CA PHE C 169 -36.17 -13.53 22.85
C PHE C 169 -36.39 -15.03 22.91
N ASN C 170 -37.24 -15.55 22.02
CA ASN C 170 -37.42 -16.99 21.89
C ASN C 170 -36.39 -17.63 20.96
N ASN C 171 -35.43 -16.84 20.46
CA ASN C 171 -34.41 -17.31 19.52
C ASN C 171 -35.02 -17.98 18.29
N THR C 172 -36.18 -17.48 17.86
CA THR C 172 -36.85 -18.00 16.67
C THR C 172 -36.36 -17.31 15.41
N ASN C 173 -36.36 -15.98 15.39
CA ASN C 173 -35.88 -15.20 14.27
C ASN C 173 -34.57 -14.52 14.63
N PHE C 174 -33.73 -14.30 13.62
CA PHE C 174 -32.41 -13.73 13.80
C PHE C 174 -32.22 -12.60 12.80
N TYR C 175 -31.67 -11.49 13.26
CA TYR C 175 -31.58 -10.27 12.48
C TYR C 175 -30.14 -9.80 12.38
N PHE C 176 -29.77 -9.32 11.20
CA PHE C 176 -28.44 -8.78 10.95
C PHE C 176 -28.57 -7.41 10.31
N THR C 177 -27.68 -6.49 10.70
CA THR C 177 -27.71 -5.13 10.18
C THR C 177 -27.15 -5.11 8.76
N ALA C 178 -27.92 -4.57 7.83
CA ALA C 178 -27.54 -4.57 6.43
C ALA C 178 -26.41 -3.57 6.18
N ILE C 179 -25.77 -3.71 5.02
CA ILE C 179 -24.69 -2.82 4.59
C ILE C 179 -25.29 -1.71 3.73
N PRO C 180 -24.96 -0.45 4.00
CA PRO C 180 -25.53 0.65 3.21
C PRO C 180 -24.86 0.79 1.85
N GLU C 181 -25.49 1.58 0.99
CA GLU C 181 -24.94 1.86 -0.33
C GLU C 181 -23.69 2.72 -0.21
N ASN C 182 -22.75 2.50 -1.13
CA ASN C 182 -21.42 3.13 -1.10
C ASN C 182 -20.77 2.97 0.28
N PHE C 183 -20.87 1.77 0.84
CA PHE C 183 -20.13 1.46 2.05
C PHE C 183 -18.64 1.33 1.78
N MET C 184 -18.26 1.03 0.53
CA MET C 184 -16.84 0.89 0.19
C MET C 184 -16.18 2.25 0.01
N GLU C 185 -16.83 3.15 -0.73
CA GLU C 185 -16.29 4.50 -0.87
C GLU C 185 -16.24 5.23 0.47
N LEU C 186 -17.05 4.80 1.45
CA LEU C 186 -16.96 5.35 2.78
C LEU C 186 -15.70 4.88 3.50
N LEU C 187 -15.09 3.78 3.06
CA LEU C 187 -13.89 3.26 3.69
C LEU C 187 -12.61 3.75 3.02
N ASN C 188 -12.65 4.08 1.73
CA ASN C 188 -11.48 4.57 1.01
C ASN C 188 -11.44 6.09 0.91
N ASP C 189 -12.56 6.73 0.60
CA ASP C 189 -12.61 8.19 0.52
C ASP C 189 -12.81 8.78 1.91
N GLU C 190 -11.96 9.74 2.26
CA GLU C 190 -11.98 10.29 3.62
C GLU C 190 -13.02 11.39 3.80
N SER C 191 -13.28 12.18 2.75
CA SER C 191 -14.19 13.31 2.88
C SER C 191 -15.61 12.88 3.25
N LYS C 192 -15.95 11.59 3.05
CA LYS C 192 -17.28 11.12 3.39
C LYS C 192 -17.45 10.82 4.87
N ARG C 193 -16.36 10.67 5.62
CA ARG C 193 -16.43 10.23 7.00
C ARG C 193 -16.53 11.44 7.94
N LYS C 194 -17.45 11.34 8.90
CA LYS C 194 -17.56 12.31 10.00
C LYS C 194 -17.35 11.54 11.29
N TRP C 195 -16.28 11.86 12.00
CA TRP C 195 -15.84 11.09 13.17
C TRP C 195 -16.28 11.76 14.46
N ILE C 196 -16.61 10.93 15.45
CA ILE C 196 -16.99 11.40 16.78
C ILE C 196 -16.27 10.56 17.82
N LYS C 197 -16.08 11.13 19.00
CA LYS C 197 -15.33 10.50 20.07
C LYS C 197 -16.17 10.45 21.34
N GLY C 198 -16.14 9.30 22.02
CA GLY C 198 -16.85 9.15 23.28
C GLY C 198 -18.31 8.84 23.14
N TRP C 199 -18.74 8.29 22.01
CA TRP C 199 -20.15 7.96 21.80
C TRP C 199 -20.51 6.71 22.58
N HIS C 200 -21.45 6.84 23.51
CA HIS C 200 -21.97 5.71 24.26
C HIS C 200 -23.48 5.61 24.05
N LEU C 201 -23.98 4.38 24.06
CA LEU C 201 -25.42 4.13 23.89
C LEU C 201 -26.04 4.08 25.29
N THR C 202 -26.55 5.23 25.73
CA THR C 202 -27.03 5.35 27.10
C THR C 202 -28.33 4.57 27.32
N SER C 203 -29.19 4.53 26.31
CA SER C 203 -30.50 3.93 26.48
C SER C 203 -30.40 2.41 26.65
N ASN C 204 -31.16 1.89 27.61
CA ASN C 204 -31.26 0.44 27.80
C ASN C 204 -32.17 -0.21 26.76
N SER C 205 -32.89 0.58 25.97
CA SER C 205 -33.73 0.07 24.90
C SER C 205 -33.70 1.05 23.74
N VAL C 206 -33.71 0.52 22.52
CA VAL C 206 -33.63 1.34 21.31
C VAL C 206 -34.75 0.94 20.37
N GLU C 207 -35.20 1.90 19.56
CA GLU C 207 -36.23 1.69 18.55
C GLU C 207 -35.57 1.79 17.18
N TRP C 208 -35.06 0.67 16.68
CA TRP C 208 -34.37 0.62 15.40
C TRP C 208 -35.12 -0.31 14.45
N GLY C 209 -35.32 0.15 13.22
CA GLY C 209 -35.94 -0.67 12.19
C GLY C 209 -37.33 -1.18 12.54
N GLY C 210 -38.18 -0.33 13.11
CA GLY C 210 -39.50 -0.74 13.51
C GLY C 210 -39.55 -1.70 14.68
N HIS C 211 -38.42 -2.07 15.25
CA HIS C 211 -38.35 -3.00 16.38
C HIS C 211 -37.81 -2.28 17.60
N LYS C 212 -38.36 -2.62 18.77
CA LYS C 212 -37.82 -2.16 20.04
C LYS C 212 -36.83 -3.21 20.53
N VAL C 213 -35.55 -2.87 20.50
CA VAL C 213 -34.48 -3.80 20.81
C VAL C 213 -33.86 -3.42 22.15
N PHE C 214 -33.60 -4.42 22.98
CA PHE C 214 -32.99 -4.23 24.29
C PHE C 214 -31.52 -4.64 24.24
N MET C 215 -30.75 -4.11 25.20
CA MET C 215 -29.32 -4.38 25.22
C MET C 215 -29.04 -5.84 25.59
N ASP C 216 -29.74 -6.37 26.57
CA ASP C 216 -29.57 -7.77 26.98
C ASP C 216 -30.91 -8.48 27.09
N HIS D 3 -21.79 1.64 -31.74
CA HIS D 3 -21.61 2.35 -30.47
C HIS D 3 -22.93 2.92 -29.95
N MET D 4 -22.83 3.87 -29.03
CA MET D 4 -23.98 4.43 -28.34
C MET D 4 -23.96 5.95 -28.42
N PRO D 5 -25.14 6.58 -28.40
CA PRO D 5 -25.18 8.05 -28.36
C PRO D 5 -24.66 8.56 -27.02
N ARG D 6 -23.76 9.54 -27.08
CA ARG D 6 -23.12 10.08 -25.89
C ARG D 6 -23.38 11.58 -25.81
N ASP D 7 -23.75 12.04 -24.61
CA ASP D 7 -23.98 13.46 -24.36
C ASP D 7 -22.64 14.15 -24.11
N TYR D 8 -22.26 15.05 -25.00
CA TYR D 8 -21.01 15.79 -24.87
C TYR D 8 -21.21 17.17 -24.26
N THR D 9 -22.39 17.43 -23.70
CA THR D 9 -22.64 18.72 -23.06
C THR D 9 -21.76 18.95 -21.83
N PRO D 10 -21.51 17.96 -20.95
CA PRO D 10 -20.54 18.20 -19.87
C PRO D 10 -19.18 18.66 -20.35
N ILE D 11 -18.71 18.16 -21.49
CA ILE D 11 -17.41 18.58 -22.02
C ILE D 11 -17.50 19.99 -22.59
N CYS D 12 -18.55 20.28 -23.36
CA CYS D 12 -18.64 21.57 -24.04
C CYS D 12 -18.88 22.70 -23.05
N ASP D 13 -19.69 22.47 -22.02
CA ASP D 13 -19.93 23.52 -21.03
C ASP D 13 -18.69 23.91 -20.26
N ASN D 14 -17.60 23.16 -20.41
CA ASN D 14 -16.34 23.46 -19.72
C ASN D 14 -15.22 23.83 -20.68
N ILE D 15 -15.46 23.78 -22.00
CA ILE D 15 -14.45 24.23 -22.95
C ILE D 15 -14.31 25.75 -22.84
N VAL D 16 -13.08 26.22 -22.67
CA VAL D 16 -12.80 27.64 -22.57
C VAL D 16 -11.88 28.05 -23.71
N LYS D 17 -11.94 29.33 -24.06
CA LYS D 17 -11.04 29.93 -25.04
C LYS D 17 -10.11 30.89 -24.31
N LEU D 18 -8.81 30.66 -24.46
CA LEU D 18 -7.80 31.47 -23.78
C LEU D 18 -7.01 32.29 -24.81
N THR D 19 -6.78 33.54 -24.47
CA THR D 19 -5.99 34.45 -25.31
C THR D 19 -5.01 35.20 -24.43
N LEU D 20 -3.73 35.11 -24.79
CA LEU D 20 -2.65 35.76 -24.04
C LEU D 20 -1.95 36.75 -24.98
N THR D 21 -1.97 38.03 -24.62
CA THR D 21 -1.51 39.10 -25.50
C THR D 21 -0.51 39.98 -24.78
N SER D 22 0.67 40.13 -25.37
CA SER D 22 1.68 41.07 -24.90
C SER D 22 2.24 41.83 -26.10
N ASP D 23 2.37 43.14 -25.93
CA ASP D 23 2.86 44.04 -27.00
C ASP D 23 2.02 43.91 -28.27
N GLY D 24 0.73 43.66 -28.12
CA GLY D 24 -0.14 43.49 -29.26
C GLY D 24 0.02 42.18 -30.00
N LYS D 25 0.63 41.19 -29.37
CA LYS D 25 0.86 39.87 -29.98
C LYS D 25 -0.06 38.87 -29.27
N SER D 26 -1.14 38.47 -29.93
CA SER D 26 -2.15 37.62 -29.34
C SER D 26 -1.91 36.16 -29.71
N ILE D 27 -2.01 35.27 -28.72
CA ILE D 27 -1.97 33.83 -28.92
C ILE D 27 -3.26 33.26 -28.35
N THR D 28 -4.12 32.75 -29.23
CA THR D 28 -5.43 32.25 -28.84
C THR D 28 -5.48 30.74 -29.00
N LEU D 29 -5.89 30.05 -27.95
CA LEU D 29 -6.06 28.60 -27.99
C LEU D 29 -7.00 28.20 -26.86
N TYR D 30 -7.51 26.98 -26.95
CA TYR D 30 -8.58 26.54 -26.06
C TYR D 30 -8.03 25.80 -24.84
N GLY D 31 -8.93 25.48 -23.92
CA GLY D 31 -8.58 24.77 -22.71
C GLY D 31 -9.81 24.14 -22.11
N LEU D 32 -9.59 23.37 -21.05
CA LEU D 32 -10.66 22.66 -20.36
C LEU D 32 -10.77 23.16 -18.93
N GLN D 33 -12.00 23.28 -18.45
CA GLN D 33 -12.30 23.82 -17.13
C GLN D 33 -12.69 22.67 -16.20
N TYR D 34 -11.91 22.48 -15.13
CA TYR D 34 -12.20 21.47 -14.12
C TYR D 34 -12.03 22.11 -12.75
N GLY D 35 -13.14 22.28 -12.03
CA GLY D 35 -13.06 22.89 -10.71
C GLY D 35 -12.52 24.31 -10.81
N ASN D 36 -11.58 24.62 -9.92
CA ASN D 36 -10.89 25.91 -9.95
C ASN D 36 -9.63 25.87 -10.81
N TYR D 37 -9.59 25.00 -11.81
CA TYR D 37 -8.39 24.81 -12.62
C TYR D 37 -8.76 24.82 -14.10
N ILE D 38 -7.81 25.26 -14.91
CA ILE D 38 -7.93 25.28 -16.36
C ILE D 38 -6.78 24.45 -16.93
N ILE D 39 -7.13 23.39 -17.65
CA ILE D 39 -6.15 22.51 -18.29
C ILE D 39 -6.02 22.94 -19.74
N THR D 40 -4.81 23.31 -20.15
CA THR D 40 -4.56 23.80 -21.50
C THR D 40 -3.12 23.49 -21.88
N ASN D 41 -2.73 23.88 -23.08
CA ASN D 41 -1.40 23.61 -23.59
C ASN D 41 -0.39 24.58 -23.00
N ARG D 42 0.88 24.14 -22.98
CA ARG D 42 1.95 24.99 -22.46
C ARG D 42 2.38 26.05 -23.47
N HIS D 43 2.28 25.76 -24.77
CA HIS D 43 2.77 26.70 -25.78
C HIS D 43 1.93 27.97 -25.84
N LEU D 44 0.87 28.09 -25.04
CA LEU D 44 0.19 29.37 -24.88
C LEU D 44 1.14 30.42 -24.33
N PHE D 45 2.08 30.02 -23.47
CA PHE D 45 2.96 30.96 -22.77
C PHE D 45 4.27 31.19 -23.52
N ARG D 46 4.16 31.54 -24.81
CA ARG D 46 5.34 31.95 -25.55
C ARG D 46 5.91 33.25 -25.00
N LEU D 47 5.04 34.14 -24.51
CA LEU D 47 5.43 35.36 -23.84
C LEU D 47 4.79 35.39 -22.45
N ASN D 48 5.43 36.13 -21.54
CA ASN D 48 5.00 36.18 -20.16
C ASN D 48 4.51 37.54 -19.69
N ASN D 49 4.87 38.62 -20.40
CA ASN D 49 4.42 39.96 -20.05
C ASN D 49 2.98 40.25 -20.51
N GLY D 50 2.17 39.21 -20.73
CA GLY D 50 0.89 39.36 -21.37
C GLY D 50 -0.28 39.39 -20.41
N THR D 51 -1.47 39.52 -21.00
CA THR D 51 -2.74 39.57 -20.28
C THR D 51 -3.62 38.42 -20.76
N LEU D 52 -3.96 37.52 -19.84
CA LEU D 52 -4.72 36.33 -20.19
C LEU D 52 -6.21 36.58 -20.07
N THR D 53 -6.95 36.24 -21.13
CA THR D 53 -8.41 36.34 -21.15
C THR D 53 -9.00 34.95 -21.30
N ILE D 54 -10.02 34.67 -20.50
CA ILE D 54 -10.69 33.36 -20.50
C ILE D 54 -12.15 33.56 -20.87
N GLU D 55 -12.59 32.86 -21.91
CA GLU D 55 -13.99 32.85 -22.32
C GLU D 55 -14.60 31.51 -21.91
N SER D 56 -15.55 31.54 -20.99
CA SER D 56 -16.30 30.37 -20.58
C SER D 56 -17.73 30.49 -21.09
N LYS D 57 -18.56 29.49 -20.77
CA LYS D 57 -19.96 29.54 -21.16
C LYS D 57 -20.68 30.70 -20.50
N ASN D 58 -20.30 31.04 -19.26
CA ASN D 58 -21.04 32.02 -18.47
C ASN D 58 -20.60 33.45 -18.74
N GLY D 59 -19.29 33.71 -18.70
CA GLY D 59 -18.78 35.05 -18.92
C GLY D 59 -17.36 35.03 -19.44
N THR D 60 -16.81 36.22 -19.63
CA THR D 60 -15.44 36.41 -20.09
C THR D 60 -14.64 37.05 -18.96
N TYR D 61 -13.59 36.36 -18.53
CA TYR D 61 -12.74 36.83 -17.44
C TYR D 61 -11.38 37.21 -17.96
N THR D 62 -10.77 38.21 -17.33
CA THR D 62 -9.49 38.76 -17.78
C THR D 62 -8.53 38.83 -16.61
N ILE D 63 -7.38 38.19 -16.74
CA ILE D 63 -6.31 38.24 -15.76
C ILE D 63 -5.27 39.25 -16.24
N ALA D 64 -5.00 40.26 -15.42
CA ALA D 64 -4.16 41.38 -15.84
C ALA D 64 -2.76 40.92 -16.21
N ASP D 65 -2.05 40.31 -15.26
CA ASP D 65 -0.67 39.88 -15.45
C ASP D 65 -0.61 38.36 -15.43
N SER D 66 -0.17 37.77 -16.55
CA SER D 66 -0.01 36.32 -16.62
C SER D 66 1.14 35.83 -15.76
N LYS D 67 2.04 36.71 -15.34
CA LYS D 67 3.15 36.30 -14.48
C LYS D 67 2.68 35.95 -13.07
N THR D 68 1.53 36.48 -12.64
CA THR D 68 1.00 36.19 -11.33
C THR D 68 0.23 34.87 -11.28
N LEU D 69 0.01 34.23 -12.42
CA LEU D 69 -0.79 33.02 -12.47
C LEU D 69 0.04 31.82 -12.00
N GLU D 70 -0.56 31.02 -11.12
CA GLU D 70 0.07 29.81 -10.62
C GLU D 70 -0.23 28.66 -11.57
N VAL D 71 0.82 28.05 -12.13
CA VAL D 71 0.68 26.99 -13.12
C VAL D 71 1.52 25.80 -12.70
N HIS D 72 1.02 24.60 -13.00
CA HIS D 72 1.74 23.36 -12.78
C HIS D 72 2.01 22.71 -14.14
N LEU D 73 3.29 22.51 -14.45
CA LEU D 73 3.68 21.94 -15.73
C LEU D 73 3.64 20.43 -15.65
N ILE D 74 3.04 19.79 -16.66
CA ILE D 74 3.04 18.34 -16.75
C ILE D 74 4.36 17.91 -17.38
N GLU D 75 5.04 16.96 -16.74
CA GLU D 75 6.37 16.54 -17.17
C GLU D 75 6.33 15.99 -18.59
N GLY D 76 7.13 16.59 -19.47
CA GLY D 76 7.27 16.11 -20.82
C GLY D 76 6.15 16.52 -21.74
N LYS D 77 4.92 16.39 -21.27
CA LYS D 77 3.76 16.70 -22.08
C LYS D 77 3.59 18.20 -22.28
N ASP D 78 2.87 18.54 -23.34
CA ASP D 78 2.48 19.92 -23.63
C ASP D 78 1.18 20.27 -22.90
N LEU D 79 1.14 19.99 -21.60
CA LEU D 79 -0.01 20.26 -20.76
C LEU D 79 0.41 21.07 -19.55
N VAL D 80 -0.47 21.97 -19.12
CA VAL D 80 -0.22 22.81 -17.95
C VAL D 80 -1.54 23.03 -17.23
N ILE D 81 -1.46 23.10 -15.90
CA ILE D 81 -2.64 23.27 -15.06
C ILE D 81 -2.65 24.70 -14.55
N LEU D 82 -3.69 25.46 -14.91
CA LEU D 82 -3.83 26.85 -14.50
C LEU D 82 -4.73 26.92 -13.27
N LYS D 83 -4.18 27.39 -12.16
CA LYS D 83 -4.97 27.61 -10.95
C LYS D 83 -5.63 28.98 -11.04
N MET D 84 -6.93 28.98 -11.31
CA MET D 84 -7.66 30.23 -11.43
C MET D 84 -7.74 30.93 -10.07
N PRO D 85 -7.70 32.26 -10.06
CA PRO D 85 -7.81 32.99 -8.79
C PRO D 85 -9.20 32.89 -8.19
N ASP D 86 -9.38 33.45 -6.99
CA ASP D 86 -10.68 33.40 -6.34
C ASP D 86 -11.75 34.20 -7.08
N SER D 87 -11.34 35.10 -7.98
CA SER D 87 -12.32 35.84 -8.77
C SER D 87 -13.04 34.94 -9.75
N VAL D 88 -12.30 34.03 -10.39
CA VAL D 88 -12.91 33.14 -11.39
C VAL D 88 -13.74 32.07 -10.68
N PRO D 89 -15.01 31.92 -11.02
CA PRO D 89 -15.82 30.87 -10.39
C PRO D 89 -15.32 29.48 -10.75
N ALA D 90 -15.56 28.54 -9.84
CA ALA D 90 -15.19 27.16 -10.08
C ALA D 90 -16.12 26.53 -11.11
N ALA D 91 -15.65 25.44 -11.71
CA ALA D 91 -16.42 24.68 -12.68
C ALA D 91 -16.78 23.31 -12.11
N ASP D 92 -17.74 22.65 -12.76
CA ASP D 92 -18.15 21.33 -12.32
C ASP D 92 -17.00 20.34 -12.46
N THR D 93 -16.99 19.33 -11.59
CA THR D 93 -15.97 18.29 -11.60
C THR D 93 -16.43 17.02 -12.31
N THR D 94 -17.38 17.14 -13.22
CA THR D 94 -17.88 15.98 -13.95
C THR D 94 -16.96 15.53 -15.06
N LEU D 95 -16.00 16.36 -15.46
CA LEU D 95 -15.02 15.95 -16.45
C LEU D 95 -14.14 14.84 -15.88
N LYS D 96 -13.79 13.88 -16.73
CA LYS D 96 -12.94 12.76 -16.34
C LYS D 96 -11.80 12.64 -17.34
N PHE D 97 -10.57 12.74 -16.84
CA PHE D 97 -9.38 12.57 -17.65
C PHE D 97 -8.76 11.21 -17.40
N LYS D 98 -8.31 10.56 -18.47
CA LYS D 98 -7.63 9.28 -18.37
C LYS D 98 -6.56 9.21 -19.45
N LYS D 99 -5.51 8.44 -19.16
CA LYS D 99 -4.47 8.22 -20.17
C LYS D 99 -5.04 7.38 -21.30
N PRO D 100 -4.82 7.76 -22.56
CA PRO D 100 -5.47 7.05 -23.66
C PRO D 100 -4.95 5.63 -23.82
N VAL D 101 -5.76 4.81 -24.48
CA VAL D 101 -5.42 3.44 -24.84
C VAL D 101 -5.13 3.41 -26.33
N GLU D 102 -4.14 2.60 -26.72
CA GLU D 102 -3.79 2.52 -28.13
C GLU D 102 -4.95 1.94 -28.94
N ASN D 103 -5.20 2.56 -30.10
CA ASN D 103 -6.29 2.17 -30.99
C ASN D 103 -7.65 2.27 -30.29
N GLU D 104 -7.81 3.32 -29.49
CA GLU D 104 -9.09 3.62 -28.85
C GLU D 104 -9.75 4.77 -29.61
N GLU D 105 -11.02 4.60 -29.94
CA GLU D 105 -11.73 5.58 -30.76
C GLU D 105 -11.93 6.88 -29.99
N VAL D 106 -11.62 8.01 -30.63
CA VAL D 106 -11.76 9.32 -30.02
C VAL D 106 -12.47 10.26 -30.98
N VAL D 107 -12.95 11.37 -30.42
CA VAL D 107 -13.58 12.44 -31.18
C VAL D 107 -13.10 13.77 -30.63
N LEU D 108 -13.04 14.78 -31.51
CA LEU D 108 -12.63 16.12 -31.13
C LEU D 108 -13.86 16.97 -30.87
N VAL D 109 -13.91 17.59 -29.69
CA VAL D 109 -15.04 18.42 -29.28
C VAL D 109 -14.62 19.87 -29.37
N SER D 110 -15.34 20.65 -30.18
CA SER D 110 -15.01 22.04 -30.44
C SER D 110 -16.16 22.93 -30.01
N ARG D 111 -15.83 24.10 -29.46
CA ARG D 111 -16.80 25.11 -29.09
C ARG D 111 -16.39 26.45 -29.69
N ASP D 112 -17.24 27.01 -30.53
CA ASP D 112 -17.03 28.33 -31.11
C ASP D 112 -17.82 29.35 -30.29
N PHE D 113 -17.11 30.32 -29.71
CA PHE D 113 -17.72 31.31 -28.84
C PHE D 113 -18.29 32.51 -29.58
N SER D 114 -17.92 32.69 -30.86
CA SER D 114 -18.44 33.80 -31.65
C SER D 114 -19.36 33.31 -32.76
N THR D 115 -20.28 32.41 -32.43
CA THR D 115 -21.21 31.87 -33.41
C THR D 115 -22.55 31.64 -32.75
N PRO D 116 -23.64 31.68 -33.50
CA PRO D 116 -24.95 31.32 -32.94
C PRO D 116 -25.39 29.90 -33.31
N GLU D 117 -26.12 29.25 -32.41
CA GLU D 117 -26.78 27.95 -32.53
C GLU D 117 -25.79 26.80 -32.31
N PRO D 118 -25.16 26.19 -33.36
CA PRO D 118 -24.40 25.00 -32.92
C PRO D 118 -22.99 25.37 -32.46
N LYS D 119 -22.92 26.02 -31.30
CA LYS D 119 -21.63 26.38 -30.72
C LYS D 119 -20.82 25.14 -30.40
N CYS D 120 -21.47 24.11 -29.88
CA CYS D 120 -20.82 22.85 -29.53
C CYS D 120 -20.90 21.89 -30.71
N LEU D 121 -19.74 21.39 -31.14
CA LEU D 121 -19.68 20.43 -32.23
C LEU D 121 -18.68 19.34 -31.86
N VAL D 122 -19.05 18.10 -32.17
CA VAL D 122 -18.19 16.94 -31.94
C VAL D 122 -17.78 16.39 -33.30
N SER D 123 -16.49 16.04 -33.42
CA SER D 123 -15.94 15.58 -34.69
C SER D 123 -16.39 14.17 -35.01
N GLU D 124 -15.57 13.44 -35.75
CA GLU D 124 -15.87 12.07 -36.16
C GLU D 124 -14.93 11.10 -35.49
N SER D 125 -15.35 9.84 -35.45
CA SER D 125 -14.59 8.79 -34.79
C SER D 125 -13.22 8.63 -35.44
N SER D 126 -12.16 8.74 -34.64
CA SER D 126 -10.80 8.61 -35.12
C SER D 126 -10.01 7.71 -34.18
N LYS D 127 -8.94 7.13 -34.70
CA LYS D 127 -8.07 6.24 -33.95
C LYS D 127 -6.81 6.98 -33.50
N ILE D 128 -6.30 6.59 -32.34
CA ILE D 128 -5.14 7.24 -31.73
C ILE D 128 -3.98 6.26 -31.73
N THR D 129 -2.81 6.73 -32.17
CA THR D 129 -1.59 5.95 -32.18
C THR D 129 -0.47 6.74 -31.51
N PRO D 130 0.34 6.10 -30.68
CA PRO D 130 1.48 6.79 -30.08
C PRO D 130 2.53 7.13 -31.12
N ASP D 131 3.39 8.08 -30.78
CA ASP D 131 4.44 8.55 -31.67
C ASP D 131 5.70 8.82 -30.86
N ASN D 132 6.78 8.12 -31.19
CA ASN D 132 8.09 8.26 -30.55
C ASN D 132 7.94 7.91 -29.07
N ASP D 133 8.31 8.78 -28.14
CA ASP D 133 8.26 8.48 -26.72
C ASP D 133 6.86 8.62 -26.11
N GLY D 134 5.83 8.70 -26.94
CA GLY D 134 4.48 8.87 -26.44
C GLY D 134 4.14 10.27 -25.99
N THR D 135 5.04 11.23 -26.18
CA THR D 135 4.76 12.61 -25.78
C THR D 135 3.63 13.20 -26.62
N PHE D 136 3.64 12.93 -27.93
CA PHE D 136 2.63 13.45 -28.85
C PHE D 136 1.97 12.27 -29.56
N TRP D 137 0.74 11.94 -29.17
CA TRP D 137 -0.02 10.95 -29.91
C TRP D 137 -0.56 11.56 -31.21
N LYS D 138 -1.07 10.70 -32.08
CA LYS D 138 -1.56 11.13 -33.39
C LYS D 138 -3.02 10.75 -33.57
N HIS D 139 -3.74 11.57 -34.32
CA HIS D 139 -5.13 11.31 -34.66
C HIS D 139 -5.38 11.77 -36.09
N SER D 140 -6.56 11.45 -36.61
CA SER D 140 -6.90 11.76 -38.00
C SER D 140 -8.08 12.71 -38.09
N ILE D 141 -8.07 13.78 -37.29
CA ILE D 141 -9.11 14.78 -37.29
C ILE D 141 -8.50 16.10 -37.76
N PRO D 142 -8.97 16.68 -38.86
CA PRO D 142 -8.36 17.92 -39.36
C PRO D 142 -8.55 19.07 -38.37
N THR D 143 -7.43 19.67 -37.96
CA THR D 143 -7.43 20.73 -36.96
C THR D 143 -6.89 22.00 -37.59
N LYS D 144 -7.70 23.06 -37.56
CA LYS D 144 -7.25 24.37 -38.00
C LYS D 144 -6.42 25.03 -36.91
N ASP D 145 -5.63 26.02 -37.30
CA ASP D 145 -4.75 26.68 -36.34
C ASP D 145 -5.57 27.40 -35.28
N GLY D 146 -5.03 27.43 -34.06
CA GLY D 146 -5.75 27.96 -32.92
C GLY D 146 -6.64 26.97 -32.22
N GLU D 147 -6.75 25.74 -32.73
CA GLU D 147 -7.57 24.70 -32.11
C GLU D 147 -6.77 23.84 -31.13
N ALA D 148 -5.70 24.37 -30.56
CA ALA D 148 -4.95 23.66 -29.54
C ALA D 148 -5.65 23.80 -28.19
N GLY D 149 -5.61 22.73 -27.41
CA GLY D 149 -6.33 22.67 -26.16
C GLY D 149 -7.73 22.11 -26.25
N LEU D 150 -8.22 21.86 -27.46
CA LEU D 150 -9.53 21.23 -27.61
C LEU D 150 -9.47 19.78 -27.13
N PRO D 151 -10.49 19.31 -26.44
CA PRO D 151 -10.41 17.96 -25.83
C PRO D 151 -10.54 16.85 -26.86
N LEU D 152 -9.80 15.77 -26.61
CA LEU D 152 -9.94 14.52 -27.34
C LEU D 152 -10.69 13.55 -26.42
N VAL D 153 -11.93 13.26 -26.77
CA VAL D 153 -12.82 12.47 -25.91
C VAL D 153 -12.95 11.07 -26.48
N SER D 154 -12.68 10.06 -25.65
CA SER D 154 -12.85 8.68 -26.06
C SER D 154 -14.33 8.37 -26.25
N THR D 155 -14.65 7.67 -27.34
CA THR D 155 -16.03 7.27 -27.58
C THR D 155 -16.49 6.16 -26.65
N LYS D 156 -15.56 5.46 -26.01
CA LYS D 156 -15.90 4.37 -25.12
C LYS D 156 -16.49 4.89 -23.81
N ASP D 157 -15.65 5.47 -22.95
CA ASP D 157 -16.07 5.93 -21.64
C ASP D 157 -16.46 7.41 -21.62
N GLY D 158 -16.16 8.16 -22.68
CA GLY D 158 -16.42 9.59 -22.67
C GLY D 158 -15.41 10.39 -21.91
N THR D 159 -14.22 9.85 -21.68
CA THR D 159 -13.18 10.53 -20.92
C THR D 159 -12.27 11.34 -21.85
N VAL D 160 -11.84 12.50 -21.38
CA VAL D 160 -10.88 13.32 -22.12
C VAL D 160 -9.53 12.64 -22.07
N VAL D 161 -9.11 12.03 -23.19
CA VAL D 161 -7.84 11.32 -23.23
C VAL D 161 -6.66 12.22 -23.60
N GLY D 162 -6.92 13.46 -24.00
CA GLY D 162 -5.84 14.36 -24.35
C GLY D 162 -6.36 15.64 -24.97
N LEU D 163 -5.43 16.56 -25.20
CA LEU D 163 -5.70 17.84 -25.82
C LEU D 163 -4.88 17.96 -27.11
N HIS D 164 -5.47 18.55 -28.14
CA HIS D 164 -4.73 18.77 -29.38
C HIS D 164 -3.65 19.83 -29.16
N SER D 165 -2.50 19.65 -29.80
CA SER D 165 -1.36 20.50 -29.52
C SER D 165 -0.74 21.08 -30.80
N ALA D 166 -0.27 20.22 -31.71
CA ALA D 166 0.47 20.69 -32.87
C ALA D 166 0.16 19.81 -34.08
N SER D 167 0.71 20.21 -35.21
CA SER D 167 0.59 19.45 -36.46
C SER D 167 1.78 19.79 -37.35
N ASN D 168 1.83 19.13 -38.50
CA ASN D 168 2.87 19.37 -39.49
C ASN D 168 2.47 20.51 -40.41
N PHE D 169 3.45 21.03 -41.16
CA PHE D 169 3.23 22.22 -41.97
C PHE D 169 2.28 21.97 -43.14
N ASN D 170 2.30 20.75 -43.69
CA ASN D 170 1.37 20.40 -44.77
C ASN D 170 -0.01 20.04 -44.26
N ASN D 171 -0.21 20.00 -42.93
CA ASN D 171 -1.52 19.75 -42.33
C ASN D 171 -2.10 18.40 -42.74
N THR D 172 -1.27 17.37 -42.67
CA THR D 172 -1.69 16.00 -42.95
C THR D 172 -1.63 15.07 -41.76
N ASN D 173 -0.71 15.30 -40.82
CA ASN D 173 -0.63 14.55 -39.58
C ASN D 173 -0.88 15.50 -38.42
N PHE D 174 -1.70 15.06 -37.46
CA PHE D 174 -2.13 15.89 -36.35
C PHE D 174 -1.71 15.23 -35.04
N TYR D 175 -1.14 16.03 -34.14
CA TYR D 175 -0.54 15.53 -32.91
C TYR D 175 -1.21 16.17 -31.70
N PHE D 176 -1.84 15.34 -30.88
CA PHE D 176 -2.41 15.77 -29.61
C PHE D 176 -1.59 15.21 -28.47
N THR D 177 -1.62 15.90 -27.33
CA THR D 177 -0.85 15.49 -26.17
C THR D 177 -1.65 14.55 -25.29
N ALA D 178 -1.08 13.39 -25.00
CA ALA D 178 -1.78 12.38 -24.20
C ALA D 178 -1.88 12.82 -22.75
N ILE D 179 -2.95 12.40 -22.10
CA ILE D 179 -3.16 12.72 -20.68
C ILE D 179 -2.19 11.88 -19.84
N PRO D 180 -1.45 12.47 -18.90
CA PRO D 180 -0.49 11.70 -18.12
C PRO D 180 -1.17 10.77 -17.13
N GLU D 181 -0.38 9.86 -16.57
CA GLU D 181 -0.87 8.94 -15.57
C GLU D 181 -1.21 9.68 -14.29
N ASN D 182 -2.34 9.33 -13.69
CA ASN D 182 -2.80 9.90 -12.42
C ASN D 182 -3.02 11.41 -12.55
N PHE D 183 -3.70 11.81 -13.63
CA PHE D 183 -3.98 13.22 -13.84
C PHE D 183 -5.10 13.72 -12.92
N MET D 184 -6.07 12.86 -12.60
CA MET D 184 -7.15 13.27 -11.72
C MET D 184 -6.69 13.43 -10.29
N GLU D 185 -5.79 12.54 -9.84
CA GLU D 185 -5.22 12.69 -8.51
C GLU D 185 -4.46 14.00 -8.36
N LEU D 186 -3.88 14.48 -9.46
CA LEU D 186 -3.22 15.79 -9.43
C LEU D 186 -4.23 16.91 -9.26
N LEU D 187 -5.43 16.76 -9.85
CA LEU D 187 -6.45 17.80 -9.72
C LEU D 187 -7.12 17.79 -8.36
N ASN D 188 -7.25 16.62 -7.73
CA ASN D 188 -7.95 16.54 -6.45
C ASN D 188 -7.04 16.91 -5.29
N ASP D 189 -5.83 16.35 -5.26
CA ASP D 189 -4.90 16.54 -4.15
C ASP D 189 -3.77 17.46 -4.58
N GLU D 190 -3.47 18.45 -3.75
CA GLU D 190 -2.38 19.39 -4.00
C GLU D 190 -1.04 18.89 -3.46
N SER D 191 -0.97 17.64 -3.02
CA SER D 191 0.29 17.11 -2.48
C SER D 191 1.37 17.03 -3.56
N LYS D 192 0.98 16.74 -4.80
CA LYS D 192 1.92 16.61 -5.89
C LYS D 192 2.08 17.90 -6.71
N ARG D 193 1.23 18.90 -6.46
CA ARG D 193 1.21 20.11 -7.28
C ARG D 193 2.32 21.05 -6.85
N LYS D 194 3.33 21.20 -7.71
CA LYS D 194 4.37 22.21 -7.53
C LYS D 194 3.95 23.45 -8.30
N TRP D 195 3.53 24.49 -7.57
CA TRP D 195 2.95 25.67 -8.18
C TRP D 195 4.04 26.71 -8.46
N ILE D 196 4.14 27.12 -9.72
CA ILE D 196 5.15 28.09 -10.15
C ILE D 196 4.44 29.28 -10.80
N LYS D 197 5.14 30.40 -10.85
CA LYS D 197 4.64 31.63 -11.44
C LYS D 197 5.63 32.17 -12.45
N GLY D 198 5.12 32.57 -13.61
CA GLY D 198 5.96 33.24 -14.60
C GLY D 198 6.73 32.32 -15.51
N TRP D 199 6.24 31.11 -15.76
CA TRP D 199 6.90 30.21 -16.69
C TRP D 199 6.66 30.70 -18.11
N HIS D 200 7.74 30.97 -18.83
CA HIS D 200 7.68 31.49 -20.19
C HIS D 200 8.40 30.55 -21.15
N LEU D 201 7.81 30.36 -22.33
CA LEU D 201 8.39 29.53 -23.38
C LEU D 201 9.07 30.46 -24.37
N THR D 202 10.33 30.80 -24.08
CA THR D 202 11.04 31.85 -24.80
C THR D 202 11.51 31.38 -26.18
N SER D 203 12.13 30.20 -26.24
CA SER D 203 12.80 29.76 -27.45
C SER D 203 11.83 29.70 -28.63
N ASN D 204 12.31 30.14 -29.80
CA ASN D 204 11.50 30.11 -31.01
C ASN D 204 11.20 28.70 -31.49
N SER D 205 11.91 27.70 -30.96
CA SER D 205 11.70 26.31 -31.36
C SER D 205 12.11 25.40 -30.22
N VAL D 206 11.24 24.46 -29.87
CA VAL D 206 11.51 23.49 -28.81
C VAL D 206 11.51 22.10 -29.43
N GLU D 207 12.44 21.26 -28.99
CA GLU D 207 12.53 19.88 -29.45
C GLU D 207 11.77 19.01 -28.45
N TRP D 208 10.53 18.68 -28.78
CA TRP D 208 9.63 17.96 -27.88
C TRP D 208 9.13 16.69 -28.55
N GLY D 209 9.28 15.56 -27.85
CA GLY D 209 8.73 14.30 -28.33
C GLY D 209 9.34 13.77 -29.60
N GLY D 210 10.61 14.08 -29.85
CA GLY D 210 11.28 13.63 -31.05
C GLY D 210 11.15 14.52 -32.25
N HIS D 211 10.23 15.49 -32.23
CA HIS D 211 10.03 16.43 -33.32
C HIS D 211 10.38 17.83 -32.85
N LYS D 212 11.20 18.53 -33.62
CA LYS D 212 11.46 19.94 -33.37
C LYS D 212 10.23 20.74 -33.72
N VAL D 213 9.61 21.37 -32.71
CA VAL D 213 8.36 22.10 -32.87
C VAL D 213 8.64 23.58 -32.77
N PHE D 214 8.22 24.34 -33.78
CA PHE D 214 8.35 25.78 -33.80
C PHE D 214 7.03 26.44 -33.41
N MET D 215 7.11 27.49 -32.60
CA MET D 215 5.93 28.27 -32.25
C MET D 215 5.48 29.03 -33.49
N ASP D 216 4.44 28.51 -34.15
CA ASP D 216 3.93 29.08 -35.40
C ASP D 216 5.02 29.12 -36.47
N THR E 1 13.32 13.38 -20.94
CA THR E 1 14.22 14.38 -20.39
C THR E 1 15.64 13.85 -20.29
N GLU E 2 16.07 13.49 -19.08
CA GLU E 2 17.40 12.94 -18.89
C GLU E 2 17.50 11.55 -19.51
N ASN E 3 18.69 11.22 -20.00
CA ASN E 3 18.89 9.95 -20.68
C ASN E 3 19.10 8.81 -19.68
N LEU E 4 18.57 7.64 -20.02
CA LEU E 4 18.61 6.48 -19.15
C LEU E 4 19.25 5.31 -19.86
N TYR E 5 19.62 4.29 -19.07
CA TYR E 5 20.17 3.06 -19.62
C TYR E 5 19.57 1.88 -18.88
N PHE E 6 19.22 0.84 -19.62
CA PHE E 6 18.55 -0.31 -19.03
C PHE E 6 19.52 -1.11 -18.16
N GLN E 7 18.97 -1.81 -17.17
CA GLN E 7 19.78 -2.51 -16.18
C GLN E 7 19.36 -3.97 -16.03
N THR F 1 8.63 11.65 33.44
CA THR F 1 7.56 12.55 33.03
C THR F 1 6.31 11.76 32.63
N GLU F 2 6.29 11.30 31.38
CA GLU F 2 5.16 10.54 30.88
C GLU F 2 5.13 9.16 31.53
N ASN F 3 3.97 8.78 32.07
CA ASN F 3 3.82 7.47 32.68
C ASN F 3 3.83 6.38 31.62
N LEU F 4 4.57 5.31 31.90
CA LEU F 4 4.73 4.20 30.96
C LEU F 4 4.29 2.90 31.61
N TYR F 5 4.16 1.87 30.77
CA TYR F 5 3.82 0.52 31.22
C TYR F 5 4.58 -0.48 30.38
N PHE F 6 5.00 -1.57 31.01
CA PHE F 6 5.81 -2.58 30.34
C PHE F 6 4.94 -3.47 29.45
N GLN F 7 5.54 -3.90 28.34
CA GLN F 7 4.84 -4.77 27.39
C GLN F 7 5.51 -6.14 27.28
N GLU G 2 -41.40 -9.37 17.47
CA GLU G 2 -41.36 -7.93 17.29
C GLU G 2 -40.47 -7.27 18.35
N ASN G 3 -40.16 -8.02 19.39
CA ASN G 3 -39.30 -7.56 20.47
C ASN G 3 -37.99 -8.34 20.42
N LEU G 4 -36.88 -7.64 20.23
CA LEU G 4 -35.59 -8.27 20.01
C LEU G 4 -34.60 -7.85 21.11
N TYR G 5 -33.51 -8.60 21.19
CA TYR G 5 -32.40 -8.28 22.09
C TYR G 5 -31.10 -8.46 21.33
N PHE G 6 -30.14 -7.59 21.60
CA PHE G 6 -28.87 -7.60 20.88
C PHE G 6 -28.00 -8.75 21.39
N GLN G 7 -27.31 -9.40 20.46
CA GLN G 7 -26.44 -10.52 20.79
C GLN G 7 -24.96 -10.14 20.67
N THR H 1 10.51 11.86 -37.76
CA THR H 1 10.78 13.07 -37.00
C THR H 1 10.50 14.32 -37.82
N GLU H 2 9.32 14.36 -38.43
CA GLU H 2 8.94 15.52 -39.23
C GLU H 2 8.75 16.74 -38.34
N ASN H 3 9.19 17.90 -38.84
CA ASN H 3 9.08 19.13 -38.07
C ASN H 3 7.62 19.56 -37.96
N LEU H 4 7.24 19.99 -36.77
CA LEU H 4 5.86 20.38 -36.47
C LEU H 4 5.82 21.82 -35.98
N TYR H 5 4.60 22.32 -35.79
CA TYR H 5 4.39 23.66 -35.27
C TYR H 5 3.13 23.67 -34.41
N PHE H 6 3.20 24.36 -33.28
CA PHE H 6 2.06 24.48 -32.39
C PHE H 6 0.97 25.31 -33.04
N GLN H 7 -0.26 25.09 -32.59
CA GLN H 7 -1.42 25.71 -33.23
C GLN H 7 -2.63 25.75 -32.30
S SO4 I . 12.97 -10.73 5.54
O1 SO4 I . 13.88 -9.59 5.50
O2 SO4 I . 13.07 -11.49 4.29
O3 SO4 I . 13.33 -11.59 6.66
O4 SO4 I . 11.60 -10.27 5.70
#